data_4WWP
#
_entry.id   4WWP
#
_cell.length_a   143.013
_cell.length_b   67.633
_cell.length_c   105.981
_cell.angle_alpha   90.000
_cell.angle_beta   95.270
_cell.angle_gamma   90.000
#
_symmetry.space_group_name_H-M   'C 1 2 1'
#
loop_
_entity.id
_entity.type
_entity.pdbx_description
1 polymer 'Phosphatidylinositol 4,5-bisphosphate 3-kinase catalytic subunit gamma isoform'
2 non-polymer 'SULFATE ION'
3 non-polymer N-{(1S)-1-[8-chloro-2-(2-methylpyridin-3-yl)quinolin-3-yl]ethyl}-9H-purin-6-amine
4 non-polymer GLYCEROL
5 water water
#
_entity_poly.entity_id   1
_entity_poly.type   'polypeptide(L)'
_entity_poly.pdbx_seq_one_letter_code
;SEESQAFQRQLTALIGYDVTDVSNVHDDELEFTRRGLVTPRMAEVASRDPKLYAMHPWVTSKPLPEYLWKKIANNCIFIV
IHRSTTSQTIKVSPDDTPGAILQSFFTKMAKKKSLMDIPESQSEQDFVLRVCGRDEYLVGETPIKNFQWVRHCLKNGEEI
HVVLDTPPDPALDEVRKEEWPLVDDCTGVTGYHEQLTIHGKDHESVFTVSLWDCDRKFRVKIRGIDIPVLPRNTDLTVFV
EANIQHGQQVLCQRRTSPKPFTEEVLWNVWLEFSIKIKDLPKGALLNLQIYCGKAPALSSKASAESPSSESKGKVQLLYY
VNLLLIDHRFLLRRGEYVLHMWQISGKGEDQGSFNADKLTSATNPDKENSMSISILLDNYCHPIALPKHQPTPDPEGDRV
RAEMPNQLRKQLEAIIATDPLNPLTAEDKELLWHFRYESLKHPKAYPKLFSSVKWGQQEIVAKTYQLLARREVWDQSALD
VGLTMQLLDCNFSDENVRAIAVQKLESLEDDDVLHYLLQLVQAVKFEPYHDSALARFLLKRGLRNKRIGHFLFWFLRSEI
AQSRHYQQRFAVILEAYLRGCGTAMLHDFTQQVQVIEMLQKVTLDIKSLSAEKYDVSSQVISQLKQKLENLQNSQLPESF
RVPYDPGLKAGALAIEKCKVMASKKKPLWLEFKCADPTALSNETIGIIFKHGDDLRQDMLILQILRIMESIWETESLDLC
LLPYGCISTGDKIGMIEIVKDATTIAKIQQSTVGNTGAFKDEVLNHWLKEKSPTEEKFQAAVERFVYSCAGYCVATFVLG
IGDRHNDNIMITETGNLFHIDFGHILGNYKSFLGINKERVPFVLTPDFLFVMGTSGKKTSPHFQKFQDICVKAYLALRHH
TNLLIILFSMMLMTGMPQLTSKEDIEYIRDALTVGKNEEDAKKYFLDQIEVCRDKGWTVQFNWFLHLVLGIKQGEKHSA
;
_entity_poly.pdbx_strand_id   A
#
loop_
_chem_comp.id
_chem_comp.type
_chem_comp.name
_chem_comp.formula
3VE non-polymer N-{(1S)-1-[8-chloro-2-(2-methylpyridin-3-yl)quinolin-3-yl]ethyl}-9H-purin-6-amine 'C22 H18 Cl N7'
GOL non-polymer GLYCEROL 'C3 H8 O3'
SO4 non-polymer 'SULFATE ION' 'O4 S -2'
#
# COMPACT_ATOMS: atom_id res chain seq x y z
N GLN A 5 -13.53 30.47 -8.51
CA GLN A 5 -12.15 30.35 -7.95
C GLN A 5 -12.18 29.91 -6.48
N ALA A 6 -13.26 30.21 -5.77
CA ALA A 6 -13.45 29.75 -4.39
C ALA A 6 -13.50 28.22 -4.26
N PHE A 7 -13.98 27.55 -5.30
CA PHE A 7 -14.02 26.10 -5.36
C PHE A 7 -12.61 25.54 -5.49
N GLN A 8 -11.74 26.26 -6.20
CA GLN A 8 -10.34 25.87 -6.33
C GLN A 8 -9.60 26.00 -5.00
N ARG A 9 -9.94 27.04 -4.22
CA ARG A 9 -9.35 27.24 -2.90
C ARG A 9 -9.71 26.10 -1.95
N GLN A 10 -10.92 25.56 -2.11
CA GLN A 10 -11.35 24.40 -1.31
C GLN A 10 -10.52 23.19 -1.72
N LEU A 11 -10.51 22.91 -3.02
CA LEU A 11 -9.72 21.81 -3.57
C LEU A 11 -8.27 21.83 -3.04
N THR A 12 -7.68 23.02 -2.95
CA THR A 12 -6.30 23.14 -2.49
C THR A 12 -6.15 22.64 -1.06
N ALA A 13 -7.01 23.11 -0.17
CA ALA A 13 -7.00 22.66 1.23
C ALA A 13 -7.34 21.17 1.37
N LEU A 14 -8.29 20.69 0.58
CA LEU A 14 -8.61 19.26 0.59
C LEU A 14 -7.40 18.44 0.14
N ILE A 15 -6.76 18.89 -0.93
CA ILE A 15 -5.62 18.20 -1.50
C ILE A 15 -4.39 18.29 -0.59
N GLY A 16 -4.18 19.45 0.02
CA GLY A 16 -2.97 19.70 0.80
C GLY A 16 -1.85 20.28 -0.05
N TYR A 17 -2.14 20.58 -1.32
CA TYR A 17 -1.16 21.15 -2.22
C TYR A 17 -1.86 21.95 -3.32
N ASP A 18 -1.18 22.97 -3.83
CA ASP A 18 -1.74 23.89 -4.81
C ASP A 18 -1.43 23.45 -6.24
N VAL A 19 -2.43 22.88 -6.92
CA VAL A 19 -2.26 22.29 -8.26
C VAL A 19 -2.19 23.34 -9.37
N THR A 20 -2.64 24.56 -9.09
CA THR A 20 -2.60 25.65 -10.06
C THR A 20 -1.27 26.37 -10.04
N ASP A 21 -0.52 26.20 -8.95
CA ASP A 21 0.81 26.78 -8.80
C ASP A 21 1.73 26.23 -9.89
N VAL A 22 2.58 27.10 -10.44
CA VAL A 22 3.54 26.72 -11.48
C VAL A 22 4.95 27.20 -11.13
N SER A 23 5.21 27.33 -9.83
CA SER A 23 6.47 27.84 -9.33
C SER A 23 7.60 26.83 -9.44
N ASN A 24 7.26 25.55 -9.63
CA ASN A 24 8.24 24.47 -9.69
C ASN A 24 7.99 23.53 -10.86
N VAL A 25 7.96 24.10 -12.05
CA VAL A 25 7.87 23.35 -13.28
C VAL A 25 8.86 23.93 -14.27
N HIS A 26 9.19 23.16 -15.29
CA HIS A 26 10.00 23.64 -16.42
C HIS A 26 9.29 23.33 -17.71
N ASP A 27 8.02 22.95 -17.61
CA ASP A 27 7.18 22.66 -18.76
C ASP A 27 5.75 22.59 -18.26
N ASP A 28 4.81 22.30 -19.14
CA ASP A 28 3.39 22.30 -18.77
C ASP A 28 2.79 20.90 -18.60
N GLU A 29 3.61 19.91 -18.26
CA GLU A 29 3.09 18.52 -18.21
C GLU A 29 1.98 18.41 -17.20
N LEU A 30 2.17 19.00 -16.01
CA LEU A 30 1.15 18.98 -14.96
C LEU A 30 -0.18 19.57 -15.41
N GLU A 31 -0.14 20.76 -16.01
CA GLU A 31 -1.35 21.41 -16.50
C GLU A 31 -1.98 20.60 -17.63
N PHE A 32 -1.14 20.05 -18.51
CA PHE A 32 -1.61 19.22 -19.62
C PHE A 32 -2.38 18.02 -19.05
N THR A 33 -1.87 17.46 -17.96
CA THR A 33 -2.54 16.34 -17.30
C THR A 33 -3.88 16.72 -16.67
N ARG A 34 -3.95 17.88 -16.04
CA ARG A 34 -5.23 18.35 -15.54
C ARG A 34 -6.25 18.31 -16.67
N ARG A 35 -5.92 18.97 -17.77
CA ARG A 35 -6.83 19.04 -18.90
C ARG A 35 -7.07 17.66 -19.49
N GLY A 36 -6.03 16.83 -19.51
CA GLY A 36 -6.17 15.48 -20.04
C GLY A 36 -7.10 14.59 -19.23
N LEU A 37 -7.15 14.81 -17.92
CA LEU A 37 -7.95 13.98 -17.04
C LEU A 37 -9.43 14.37 -17.04
N VAL A 38 -9.75 15.49 -17.67
CA VAL A 38 -11.13 15.99 -17.70
C VAL A 38 -12.04 14.94 -18.35
N THR A 39 -11.61 14.38 -19.46
CA THR A 39 -12.45 13.48 -20.23
C THR A 39 -12.76 12.19 -19.49
N PRO A 40 -11.73 11.49 -19.02
CA PRO A 40 -12.05 10.26 -18.32
C PRO A 40 -12.85 10.48 -17.03
N ARG A 41 -12.74 11.66 -16.42
CA ARG A 41 -13.58 11.98 -15.27
C ARG A 41 -15.06 12.03 -15.68
N MET A 42 -15.34 12.80 -16.72
CA MET A 42 -16.72 13.04 -17.13
C MET A 42 -17.35 11.76 -17.69
N ALA A 43 -16.55 10.98 -18.43
CA ALA A 43 -16.99 9.66 -18.90
C ALA A 43 -17.43 8.78 -17.74
N GLU A 44 -16.65 8.78 -16.66
CA GLU A 44 -17.02 7.96 -15.53
C GLU A 44 -18.22 8.57 -14.82
N VAL A 45 -18.16 9.89 -14.59
CA VAL A 45 -19.28 10.59 -13.97
C VAL A 45 -20.57 10.27 -14.73
N ALA A 46 -20.61 10.62 -16.01
CA ALA A 46 -21.81 10.44 -16.79
C ALA A 46 -22.26 8.97 -16.89
N SER A 47 -21.37 8.03 -16.61
CA SER A 47 -21.71 6.61 -16.74
C SER A 47 -22.18 5.91 -15.47
N ARG A 48 -21.85 6.46 -14.30
CA ARG A 48 -22.13 5.73 -13.06
C ARG A 48 -23.60 5.88 -12.70
N ASP A 49 -24.20 4.79 -12.25
CA ASP A 49 -25.59 4.76 -11.81
C ASP A 49 -25.70 5.59 -10.52
N PRO A 50 -26.39 6.76 -10.57
CA PRO A 50 -26.41 7.68 -9.42
C PRO A 50 -26.81 7.01 -8.11
N LYS A 51 -27.75 6.07 -8.19
CA LYS A 51 -28.32 5.40 -7.02
C LYS A 51 -27.37 4.34 -6.44
N LEU A 52 -26.71 3.58 -7.32
CA LEU A 52 -25.69 2.63 -6.89
C LEU A 52 -24.40 3.35 -6.47
N TYR A 53 -24.14 4.52 -7.03
CA TYR A 53 -23.06 5.35 -6.55
C TYR A 53 -23.37 5.85 -5.14
N ALA A 54 -24.60 6.30 -4.92
CA ALA A 54 -24.98 6.89 -3.65
C ALA A 54 -24.92 5.87 -2.52
N MET A 55 -25.33 4.63 -2.80
CA MET A 55 -25.35 3.59 -1.76
C MET A 55 -24.09 2.74 -1.72
N HIS A 56 -23.34 2.73 -2.83
CA HIS A 56 -22.04 2.10 -2.89
C HIS A 56 -22.00 0.76 -2.23
N PRO A 57 -22.89 -0.15 -2.64
CA PRO A 57 -22.85 -1.51 -2.11
C PRO A 57 -21.47 -2.12 -2.14
N TRP A 58 -20.98 -2.59 -1.00
CA TRP A 58 -19.68 -3.28 -0.94
C TRP A 58 -19.87 -4.74 -1.14
N VAL A 59 -19.55 -5.19 -2.35
CA VAL A 59 -19.88 -6.53 -2.80
C VAL A 59 -18.69 -7.27 -3.41
N THR A 60 -18.71 -8.60 -3.28
CA THR A 60 -17.70 -9.48 -3.85
C THR A 60 -18.38 -10.57 -4.68
N SER A 61 -17.68 -11.09 -5.68
CA SER A 61 -18.17 -12.21 -6.49
C SER A 61 -17.47 -13.52 -6.16
N LYS A 62 -16.50 -13.47 -5.25
CA LYS A 62 -15.77 -14.66 -4.83
C LYS A 62 -16.73 -15.63 -4.14
N PRO A 63 -16.38 -16.93 -4.11
CA PRO A 63 -17.21 -17.86 -3.36
C PRO A 63 -17.12 -17.60 -1.86
N LEU A 64 -18.19 -17.94 -1.15
CA LEU A 64 -18.17 -17.97 0.31
C LEU A 64 -17.36 -19.21 0.69
N PRO A 65 -16.26 -19.03 1.47
CA PRO A 65 -15.33 -20.15 1.75
C PRO A 65 -15.90 -21.25 2.66
N GLU A 66 -15.17 -22.36 2.75
CA GLU A 66 -15.61 -23.53 3.53
C GLU A 66 -15.71 -23.20 5.01
N TYR A 67 -14.85 -22.29 5.48
CA TYR A 67 -14.88 -21.88 6.89
C TYR A 67 -16.10 -21.03 7.21
N LEU A 68 -16.68 -20.36 6.21
CA LEU A 68 -17.92 -19.61 6.39
C LEU A 68 -19.21 -20.38 6.04
N TRP A 69 -19.11 -21.43 5.24
CA TRP A 69 -20.30 -22.25 4.95
C TRP A 69 -20.68 -23.06 6.15
N LYS A 70 -19.70 -23.74 6.73
CA LYS A 70 -19.93 -24.59 7.90
C LYS A 70 -20.33 -23.79 9.16
N LYS A 71 -20.58 -22.49 9.00
CA LYS A 71 -21.15 -21.64 10.06
C LYS A 71 -22.62 -21.28 9.79
N ILE A 72 -23.24 -21.88 8.77
CA ILE A 72 -24.64 -21.62 8.44
C ILE A 72 -25.57 -22.73 8.95
N ALA A 73 -26.83 -22.37 9.19
CA ALA A 73 -27.86 -23.33 9.59
C ALA A 73 -28.83 -23.53 8.42
N ASN A 74 -29.11 -24.80 8.10
CA ASN A 74 -30.10 -25.18 7.07
C ASN A 74 -30.34 -24.12 5.99
N ASN A 75 -29.28 -23.68 5.34
CA ASN A 75 -29.38 -22.72 4.23
C ASN A 75 -30.11 -21.44 4.66
N CYS A 76 -29.92 -21.04 5.91
CA CYS A 76 -30.70 -19.97 6.51
C CYS A 76 -29.81 -18.89 7.09
N ILE A 77 -30.11 -17.64 6.74
CA ILE A 77 -29.42 -16.48 7.28
C ILE A 77 -30.44 -15.61 7.98
N PHE A 78 -30.22 -15.36 9.26
CA PHE A 78 -31.11 -14.50 10.04
C PHE A 78 -30.69 -13.05 9.84
N ILE A 79 -31.67 -12.21 9.49
CA ILE A 79 -31.43 -10.79 9.26
C ILE A 79 -32.49 -9.98 10.02
N VAL A 80 -32.09 -9.35 11.11
CA VAL A 80 -32.98 -8.52 11.89
C VAL A 80 -33.22 -7.20 11.17
N ILE A 81 -34.49 -6.87 10.91
CA ILE A 81 -34.85 -5.62 10.24
C ILE A 81 -35.50 -4.67 11.23
N HIS A 82 -35.18 -3.38 11.12
CA HIS A 82 -35.63 -2.37 12.06
C HIS A 82 -36.35 -1.26 11.33
N ARG A 83 -37.28 -0.59 12.02
CA ARG A 83 -37.92 0.65 11.52
C ARG A 83 -37.56 1.83 12.43
N SER A 84 -38.32 2.04 13.51
CA SER A 84 -38.06 3.08 14.49
C SER A 84 -37.68 2.43 15.82
N THR A 85 -38.58 1.59 16.33
CA THR A 85 -38.26 0.65 17.42
C THR A 85 -38.81 -0.76 17.10
N THR A 86 -38.92 -1.08 15.81
CA THR A 86 -39.26 -2.43 15.35
C THR A 86 -37.98 -3.28 15.29
N SER A 87 -38.14 -4.58 15.50
CA SER A 87 -37.03 -5.53 15.46
C SER A 87 -37.58 -6.91 15.13
N GLN A 88 -37.83 -7.14 13.85
CA GLN A 88 -38.48 -8.36 13.38
C GLN A 88 -37.52 -9.18 12.51
N THR A 89 -37.22 -10.40 12.95
CA THR A 89 -36.20 -11.24 12.31
C THR A 89 -36.77 -12.00 11.12
N ILE A 90 -35.94 -12.22 10.10
CA ILE A 90 -36.34 -12.93 8.90
C ILE A 90 -35.43 -14.13 8.65
N LYS A 91 -36.00 -15.21 8.12
CA LYS A 91 -35.25 -16.35 7.60
C LYS A 91 -34.95 -16.05 6.15
N VAL A 92 -33.67 -16.16 5.77
CA VAL A 92 -33.24 -15.87 4.40
C VAL A 92 -32.27 -16.93 3.90
N SER A 93 -32.37 -17.26 2.61
CA SER A 93 -31.41 -18.15 1.96
C SER A 93 -30.22 -17.33 1.44
N PRO A 94 -29.00 -17.90 1.51
CA PRO A 94 -27.80 -17.18 1.05
C PRO A 94 -27.97 -16.53 -0.32
N ASP A 95 -28.76 -17.17 -1.18
CA ASP A 95 -28.91 -16.72 -2.55
C ASP A 95 -29.95 -15.61 -2.71
N ASP A 96 -30.57 -15.18 -1.61
CA ASP A 96 -31.60 -14.14 -1.67
C ASP A 96 -31.03 -12.73 -1.90
N THR A 97 -31.48 -12.06 -2.96
CA THR A 97 -31.15 -10.66 -3.20
C THR A 97 -31.84 -9.75 -2.19
N PRO A 98 -31.19 -8.65 -1.78
CA PRO A 98 -31.86 -7.76 -0.83
C PRO A 98 -32.91 -6.86 -1.48
N GLY A 99 -32.53 -6.15 -2.55
CA GLY A 99 -33.42 -5.23 -3.24
C GLY A 99 -34.46 -5.92 -4.12
N ALA A 100 -34.78 -7.16 -3.78
CA ALA A 100 -35.92 -7.86 -4.33
C ALA A 100 -36.45 -8.86 -3.31
N ILE A 101 -35.68 -9.92 -3.05
CA ILE A 101 -36.17 -11.10 -2.33
C ILE A 101 -36.45 -10.84 -0.83
N LEU A 102 -35.72 -9.90 -0.23
CA LEU A 102 -35.99 -9.52 1.15
C LEU A 102 -37.11 -8.48 1.20
N GLN A 103 -38.34 -8.97 1.26
CA GLN A 103 -39.54 -8.12 1.30
C GLN A 103 -40.79 -8.89 1.79
N VAL A 128 -34.90 0.21 1.02
CA VAL A 128 -33.48 -0.10 1.11
C VAL A 128 -33.08 -0.49 2.53
N LEU A 129 -32.23 -1.51 2.63
CA LEU A 129 -31.81 -2.07 3.92
C LEU A 129 -30.41 -1.61 4.28
N ARG A 130 -30.32 -0.50 5.01
CA ARG A 130 -29.03 0.02 5.49
C ARG A 130 -28.58 -0.71 6.75
N VAL A 131 -27.28 -0.94 6.90
CA VAL A 131 -26.73 -1.62 8.08
C VAL A 131 -26.79 -0.72 9.33
N CYS A 132 -27.02 -1.34 10.47
CA CYS A 132 -27.18 -0.58 11.71
C CYS A 132 -25.85 0.03 12.19
N GLY A 133 -25.85 1.36 12.37
CA GLY A 133 -24.67 2.10 12.84
C GLY A 133 -23.65 2.47 11.76
N ARG A 134 -23.93 2.09 10.51
CA ARG A 134 -22.96 2.26 9.42
C ARG A 134 -23.55 2.97 8.20
N ASP A 135 -22.68 3.58 7.42
CA ASP A 135 -23.05 4.06 6.10
C ASP A 135 -22.76 2.91 5.16
N GLU A 136 -23.61 1.90 5.19
CA GLU A 136 -23.41 0.69 4.41
C GLU A 136 -24.78 0.09 4.13
N TYR A 137 -24.97 -0.31 2.87
CA TYR A 137 -26.25 -0.74 2.36
C TYR A 137 -26.19 -2.14 1.80
N LEU A 138 -27.19 -2.94 2.14
CA LEU A 138 -27.41 -4.23 1.49
C LEU A 138 -28.41 -4.00 0.35
N VAL A 139 -27.91 -3.57 -0.80
CA VAL A 139 -28.74 -3.27 -1.98
C VAL A 139 -28.06 -3.71 -3.28
N GLY A 140 -28.88 -4.09 -4.27
CA GLY A 140 -28.42 -4.43 -5.62
C GLY A 140 -28.64 -5.88 -6.02
N GLU A 141 -28.33 -6.18 -7.28
CA GLU A 141 -28.58 -7.50 -7.85
C GLU A 141 -27.45 -8.48 -7.50
N THR A 142 -27.20 -8.65 -6.21
CA THR A 142 -26.28 -9.69 -5.74
C THR A 142 -26.92 -10.37 -4.52
N PRO A 143 -26.61 -11.65 -4.30
CA PRO A 143 -27.15 -12.32 -3.13
C PRO A 143 -26.51 -11.82 -1.85
N ILE A 144 -27.21 -11.96 -0.72
CA ILE A 144 -26.69 -11.47 0.56
C ILE A 144 -25.41 -12.17 1.01
N LYS A 145 -25.20 -13.41 0.59
CA LYS A 145 -23.93 -14.11 0.87
C LYS A 145 -22.72 -13.36 0.30
N ASN A 146 -22.96 -12.52 -0.71
CA ASN A 146 -21.90 -11.82 -1.44
C ASN A 146 -21.67 -10.37 -1.02
N PHE A 147 -22.36 -9.91 0.02
CA PHE A 147 -22.08 -8.61 0.63
C PHE A 147 -21.00 -8.78 1.69
N GLN A 148 -19.96 -7.96 1.64
CA GLN A 148 -18.88 -8.10 2.60
C GLN A 148 -19.37 -7.94 4.04
N TRP A 149 -20.37 -7.07 4.25
CA TRP A 149 -20.88 -6.88 5.61
C TRP A 149 -21.45 -8.17 6.16
N VAL A 150 -22.18 -8.89 5.32
CA VAL A 150 -22.79 -10.16 5.72
C VAL A 150 -21.73 -11.22 6.02
N ARG A 151 -20.64 -11.18 5.28
CA ARG A 151 -19.58 -12.15 5.45
C ARG A 151 -18.80 -11.80 6.68
N HIS A 152 -18.79 -10.51 7.03
CA HIS A 152 -18.08 -10.03 8.21
C HIS A 152 -18.77 -10.54 9.45
N CYS A 153 -20.10 -10.50 9.45
CA CYS A 153 -20.87 -11.00 10.58
C CYS A 153 -20.71 -12.52 10.74
N LEU A 154 -20.89 -13.23 9.64
CA LEU A 154 -20.71 -14.68 9.64
C LEU A 154 -19.33 -15.07 10.20
N LYS A 155 -18.30 -14.32 9.87
CA LYS A 155 -16.94 -14.65 10.34
C LYS A 155 -16.84 -14.52 11.86
N ASN A 156 -17.18 -13.35 12.39
CA ASN A 156 -16.99 -13.04 13.81
C ASN A 156 -18.01 -13.71 14.73
N GLY A 157 -19.14 -14.13 14.16
CA GLY A 157 -20.22 -14.76 14.93
C GLY A 157 -21.27 -13.76 15.35
N GLU A 158 -21.40 -12.69 14.57
CA GLU A 158 -22.35 -11.62 14.84
C GLU A 158 -23.57 -11.81 13.95
N GLU A 159 -24.58 -10.98 14.18
CA GLU A 159 -25.86 -11.10 13.47
C GLU A 159 -26.06 -9.89 12.58
N ILE A 160 -26.89 -10.05 11.56
CA ILE A 160 -27.02 -9.05 10.51
C ILE A 160 -28.13 -8.09 10.86
N HIS A 161 -27.76 -6.93 11.40
CA HIS A 161 -28.73 -5.94 11.82
C HIS A 161 -28.81 -4.82 10.81
N VAL A 162 -29.98 -4.70 10.20
CA VAL A 162 -30.21 -3.75 9.12
C VAL A 162 -31.37 -2.85 9.54
N VAL A 163 -31.52 -1.70 8.88
CA VAL A 163 -32.62 -0.79 9.15
C VAL A 163 -33.26 -0.38 7.83
N LEU A 164 -34.58 -0.56 7.73
CA LEU A 164 -35.32 -0.09 6.56
C LEU A 164 -35.18 1.42 6.54
N ASP A 165 -34.60 1.95 5.48
CA ASP A 165 -34.28 3.37 5.40
C ASP A 165 -34.62 3.90 4.02
N THR A 166 -34.79 5.22 3.94
CA THR A 166 -34.95 5.90 2.66
C THR A 166 -33.62 5.79 1.91
N PRO A 167 -33.67 5.60 0.58
CA PRO A 167 -32.41 5.64 -0.15
C PRO A 167 -31.82 7.05 -0.11
N PRO A 168 -30.49 7.15 0.02
CA PRO A 168 -29.88 8.47 0.03
C PRO A 168 -29.99 9.11 -1.34
N ASP A 169 -30.29 10.41 -1.37
CA ASP A 169 -30.61 11.11 -2.61
C ASP A 169 -29.35 11.32 -3.46
N PRO A 170 -29.34 10.78 -4.70
CA PRO A 170 -28.23 10.99 -5.63
C PRO A 170 -27.95 12.45 -6.01
N ALA A 171 -28.94 13.32 -5.84
CA ALA A 171 -28.73 14.76 -6.04
C ALA A 171 -27.62 15.27 -5.14
N LEU A 172 -27.42 14.60 -4.01
CA LEU A 172 -26.37 14.94 -3.05
C LEU A 172 -24.97 14.69 -3.66
N ASP A 173 -24.91 13.74 -4.61
CA ASP A 173 -23.66 13.38 -5.31
C ASP A 173 -23.43 14.22 -6.58
N GLU A 174 -24.29 15.21 -6.82
CA GLU A 174 -24.20 16.07 -8.00
C GLU A 174 -22.79 16.66 -8.14
N VAL A 175 -22.33 16.76 -9.38
CA VAL A 175 -21.00 17.25 -9.66
C VAL A 175 -21.07 18.62 -10.29
N ARG A 176 -20.34 19.57 -9.70
CA ARG A 176 -20.26 20.94 -10.22
C ARG A 176 -19.95 20.94 -11.72
N LYS A 177 -20.70 21.72 -12.49
CA LYS A 177 -20.55 21.75 -13.94
C LYS A 177 -19.24 22.44 -14.32
N GLU A 178 -18.56 21.90 -15.32
CA GLU A 178 -17.19 22.29 -15.65
C GLU A 178 -17.04 23.05 -16.96
N GLU A 179 -15.84 23.62 -17.14
CA GLU A 179 -15.45 24.23 -18.41
C GLU A 179 -13.92 24.38 -18.49
N THR A 208 9.14 21.73 -37.65
CA THR A 208 8.27 20.57 -37.50
C THR A 208 8.92 19.33 -38.15
N VAL A 209 9.94 18.79 -37.49
CA VAL A 209 10.76 17.68 -38.03
C VAL A 209 10.54 16.38 -37.25
N SER A 210 10.49 15.27 -37.99
CA SER A 210 10.27 13.94 -37.40
C SER A 210 11.48 13.41 -36.62
N LEU A 211 11.21 12.57 -35.63
CA LEU A 211 12.28 12.06 -34.76
C LEU A 211 13.05 10.88 -35.38
N TRP A 212 12.35 9.99 -36.08
CA TRP A 212 12.98 8.84 -36.72
C TRP A 212 13.71 9.19 -37.98
N ASP A 213 13.68 10.47 -38.36
CA ASP A 213 14.46 10.99 -39.48
C ASP A 213 15.68 11.79 -38.96
N CYS A 214 16.18 11.44 -37.78
CA CYS A 214 17.29 12.19 -37.17
C CYS A 214 18.42 11.28 -36.64
N ASP A 215 19.44 11.09 -37.46
CA ASP A 215 20.56 10.18 -37.16
C ASP A 215 21.64 10.82 -36.29
N ARG A 216 21.49 12.09 -35.94
CA ARG A 216 22.46 12.74 -35.07
C ARG A 216 22.50 12.10 -33.68
N LYS A 217 23.70 11.97 -33.14
CA LYS A 217 23.87 11.47 -31.78
C LYS A 217 23.30 12.47 -30.78
N PHE A 218 22.71 11.95 -29.70
CA PHE A 218 22.17 12.81 -28.65
C PHE A 218 23.30 13.43 -27.87
N ARG A 219 23.14 14.71 -27.53
CA ARG A 219 24.11 15.40 -26.68
C ARG A 219 23.42 16.36 -25.73
N VAL A 220 24.02 16.55 -24.57
CA VAL A 220 23.56 17.57 -23.64
C VAL A 220 24.74 18.37 -23.14
N LYS A 221 24.56 19.68 -23.11
CA LYS A 221 25.57 20.59 -22.58
C LYS A 221 25.39 20.70 -21.07
N ILE A 222 26.46 20.40 -20.33
CA ILE A 222 26.49 20.64 -18.90
C ILE A 222 27.15 22.01 -18.67
N ARG A 223 26.34 23.05 -18.45
CA ARG A 223 26.90 24.39 -18.22
C ARG A 223 27.59 24.42 -16.89
N GLY A 224 26.95 23.86 -15.87
CA GLY A 224 27.54 23.81 -14.54
C GLY A 224 26.56 23.54 -13.42
N ILE A 225 27.10 23.34 -12.22
CA ILE A 225 26.27 23.21 -11.04
C ILE A 225 26.47 24.41 -10.11
N ASP A 226 25.45 24.66 -9.29
CA ASP A 226 25.46 25.79 -8.41
C ASP A 226 24.78 25.44 -7.10
N ILE A 227 25.46 25.71 -5.99
CA ILE A 227 24.92 25.49 -4.66
C ILE A 227 25.25 26.68 -3.78
N PRO A 228 24.25 27.24 -3.07
CA PRO A 228 24.50 28.40 -2.18
C PRO A 228 25.56 28.17 -1.08
N VAL A 229 25.52 27.00 -0.43
CA VAL A 229 26.54 26.62 0.56
C VAL A 229 27.18 25.27 0.18
N LEU A 230 27.96 24.67 1.09
CA LEU A 230 28.65 23.40 0.84
C LEU A 230 28.56 22.45 2.05
N LEU A 236 38.41 18.14 -1.78
CA LEU A 236 37.18 17.54 -2.29
C LEU A 236 36.89 17.98 -3.73
N THR A 237 36.62 17.02 -4.61
CA THR A 237 36.30 17.28 -6.01
C THR A 237 34.94 16.65 -6.41
N VAL A 238 34.47 16.95 -7.61
CA VAL A 238 33.08 16.65 -8.00
C VAL A 238 32.93 16.54 -9.53
N PHE A 239 32.10 15.58 -9.96
CA PHE A 239 31.75 15.42 -11.39
C PHE A 239 30.26 15.10 -11.62
N VAL A 240 29.82 15.38 -12.84
CA VAL A 240 28.45 15.16 -13.26
C VAL A 240 28.38 13.88 -14.08
N GLU A 241 27.46 12.98 -13.74
CA GLU A 241 27.14 11.82 -14.57
C GLU A 241 25.76 12.01 -15.22
N ALA A 242 25.67 11.77 -16.52
CA ALA A 242 24.42 11.94 -17.27
C ALA A 242 24.07 10.62 -17.93
N ASN A 243 23.00 9.99 -17.44
CA ASN A 243 22.54 8.69 -17.95
C ASN A 243 21.30 8.86 -18.76
N ILE A 244 21.24 8.26 -19.95
CA ILE A 244 19.97 8.05 -20.64
C ILE A 244 19.42 6.77 -20.02
N GLN A 245 18.30 6.88 -19.32
CA GLN A 245 17.70 5.74 -18.65
C GLN A 245 16.39 5.34 -19.26
N HIS A 246 16.08 4.06 -19.17
CA HIS A 246 14.79 3.54 -19.52
C HIS A 246 14.54 2.36 -18.61
N GLY A 247 13.48 2.44 -17.82
CA GLY A 247 13.32 1.57 -16.67
C GLY A 247 14.43 1.91 -15.69
N GLN A 248 14.93 0.89 -15.01
CA GLN A 248 16.13 1.02 -14.20
C GLN A 248 17.38 0.88 -15.06
N GLN A 249 17.21 0.60 -16.36
CA GLN A 249 18.32 0.30 -17.25
C GLN A 249 18.97 1.57 -17.78
N VAL A 250 20.27 1.73 -17.52
CA VAL A 250 21.05 2.77 -18.18
C VAL A 250 21.36 2.37 -19.63
N LEU A 251 20.84 3.11 -20.60
CA LEU A 251 21.10 2.84 -22.02
C LEU A 251 22.49 3.33 -22.40
N CYS A 252 22.81 4.55 -21.98
CA CYS A 252 24.03 5.22 -22.37
C CYS A 252 24.46 6.11 -21.20
N GLN A 253 25.75 6.14 -20.91
CA GLN A 253 26.30 6.93 -19.81
C GLN A 253 27.51 7.79 -20.23
N ARG A 254 27.49 9.07 -19.84
CA ARG A 254 28.63 9.97 -20.01
C ARG A 254 28.91 10.76 -18.74
N ARG A 255 30.20 10.95 -18.45
CA ARG A 255 30.65 11.73 -17.31
C ARG A 255 31.40 12.98 -17.77
N THR A 256 31.41 14.00 -16.91
CA THR A 256 32.35 15.09 -17.06
C THR A 256 33.66 14.74 -16.36
N SER A 257 34.65 15.60 -16.59
CA SER A 257 35.90 15.56 -15.86
C SER A 257 35.64 16.02 -14.44
N PRO A 258 36.41 15.50 -13.47
CA PRO A 258 36.25 16.03 -12.12
C PRO A 258 36.78 17.45 -12.04
N LYS A 259 36.06 18.31 -11.32
CA LYS A 259 36.50 19.67 -11.02
C LYS A 259 36.52 19.81 -9.50
N PRO A 260 37.15 20.86 -8.97
CA PRO A 260 37.03 21.12 -7.53
C PRO A 260 35.60 21.51 -7.13
N PHE A 261 35.17 21.10 -5.94
CA PHE A 261 33.79 21.31 -5.45
C PHE A 261 33.65 22.63 -4.69
N THR A 262 33.38 23.69 -5.44
CA THR A 262 33.09 25.02 -4.92
C THR A 262 31.62 25.31 -5.12
N GLU A 263 31.14 26.41 -4.54
CA GLU A 263 29.72 26.79 -4.62
C GLU A 263 29.21 26.92 -6.05
N GLU A 264 30.12 27.19 -6.99
CA GLU A 264 29.78 27.14 -8.40
C GLU A 264 30.85 26.36 -9.16
N VAL A 265 30.41 25.41 -10.00
CA VAL A 265 31.34 24.69 -10.86
C VAL A 265 30.81 24.74 -12.29
N LEU A 266 31.59 25.34 -13.19
CA LEU A 266 31.24 25.41 -14.62
C LEU A 266 32.11 24.47 -15.45
N TRP A 267 31.46 23.73 -16.36
CA TRP A 267 32.15 22.90 -17.34
C TRP A 267 31.98 23.42 -18.75
N ASN A 268 30.81 23.95 -19.06
CA ASN A 268 30.45 24.33 -20.44
C ASN A 268 30.74 23.23 -21.47
N VAL A 269 30.50 21.96 -21.10
CA VAL A 269 30.89 20.82 -21.96
C VAL A 269 29.70 20.07 -22.56
N TRP A 270 29.80 19.78 -23.84
CA TRP A 270 28.88 18.88 -24.51
C TRP A 270 29.25 17.48 -24.18
N LEU A 271 28.30 16.74 -23.62
CA LEU A 271 28.43 15.30 -23.47
C LEU A 271 27.73 14.69 -24.66
N GLU A 272 28.52 14.12 -25.58
CA GLU A 272 27.98 13.44 -26.74
C GLU A 272 27.76 11.97 -26.39
N PHE A 273 26.52 11.53 -26.51
CA PHE A 273 26.18 10.14 -26.29
C PHE A 273 26.27 9.33 -27.57
N SER A 274 26.34 8.01 -27.44
CA SER A 274 26.42 7.12 -28.61
C SER A 274 25.02 6.86 -29.20
N ILE A 275 23.99 6.98 -28.37
CA ILE A 275 22.63 6.77 -28.84
C ILE A 275 22.15 7.93 -29.75
N LYS A 276 21.56 7.56 -30.88
CA LYS A 276 20.96 8.52 -31.79
C LYS A 276 19.59 9.01 -31.29
N ILE A 277 19.23 10.22 -31.71
CA ILE A 277 17.96 10.83 -31.34
C ILE A 277 16.81 9.97 -31.81
N LYS A 278 16.91 9.44 -33.02
CA LYS A 278 15.90 8.51 -33.54
C LYS A 278 15.74 7.26 -32.66
N ASP A 279 16.74 6.98 -31.83
CA ASP A 279 16.73 5.80 -30.97
C ASP A 279 16.19 6.06 -29.55
N LEU A 280 16.02 7.31 -29.15
CA LEU A 280 15.54 7.60 -27.80
C LEU A 280 14.09 7.11 -27.73
N PRO A 281 13.81 6.15 -26.82
CA PRO A 281 12.46 5.68 -26.68
C PRO A 281 11.67 6.67 -25.86
N LYS A 282 10.36 6.71 -26.04
CA LYS A 282 9.53 7.58 -25.24
C LYS A 282 9.59 7.10 -23.79
N GLY A 283 9.61 8.06 -22.86
CA GLY A 283 9.81 7.75 -21.45
C GLY A 283 11.27 7.60 -21.07
N ALA A 284 12.19 7.81 -22.00
CA ALA A 284 13.61 7.87 -21.63
C ALA A 284 13.86 9.11 -20.77
N LEU A 285 14.61 8.90 -19.69
CA LEU A 285 14.96 9.93 -18.74
C LEU A 285 16.40 10.28 -18.97
N LEU A 286 16.69 11.57 -19.08
CA LEU A 286 18.04 12.09 -18.86
C LEU A 286 18.17 12.18 -17.35
N ASN A 287 19.02 11.35 -16.79
CA ASN A 287 19.22 11.29 -15.36
C ASN A 287 20.55 11.94 -15.12
N LEU A 288 20.54 13.04 -14.38
CA LEU A 288 21.74 13.82 -14.11
C LEU A 288 22.12 13.59 -12.66
N GLN A 289 23.36 13.15 -12.43
CA GLN A 289 23.83 12.81 -11.09
C GLN A 289 25.18 13.47 -10.78
N ILE A 290 25.37 13.80 -9.50
CA ILE A 290 26.56 14.49 -9.03
C ILE A 290 27.25 13.58 -8.02
N TYR A 291 28.53 13.34 -8.29
CA TYR A 291 29.36 12.47 -7.46
C TYR A 291 30.55 13.28 -6.98
N CYS A 292 31.16 12.84 -5.88
CA CYS A 292 32.32 13.50 -5.34
C CYS A 292 33.43 12.53 -4.97
N GLY A 293 34.67 12.99 -5.12
CA GLY A 293 35.87 12.33 -4.59
C GLY A 293 36.66 13.34 -3.77
N LYS A 294 37.79 12.93 -3.23
CA LYS A 294 38.55 13.76 -2.29
C LYS A 294 39.98 13.97 -2.76
N LYS A 314 36.21 5.38 -5.98
CA LYS A 314 35.80 5.62 -4.60
C LYS A 314 34.98 6.91 -4.47
N VAL A 315 33.96 7.05 -5.31
CA VAL A 315 33.13 8.26 -5.35
C VAL A 315 31.89 8.10 -4.47
N GLN A 316 31.00 9.09 -4.47
CA GLN A 316 29.72 8.98 -3.80
C GLN A 316 28.65 9.87 -4.43
N LEU A 317 27.49 9.29 -4.68
CA LEU A 317 26.34 10.04 -5.17
C LEU A 317 25.86 11.04 -4.13
N LEU A 318 25.68 12.29 -4.54
CA LEU A 318 25.25 13.35 -3.64
C LEU A 318 23.94 13.98 -4.03
N TYR A 319 23.67 14.08 -5.33
CA TYR A 319 22.45 14.71 -5.83
C TYR A 319 22.04 14.06 -7.13
N TYR A 320 20.74 14.09 -7.40
CA TYR A 320 20.23 13.59 -8.65
C TYR A 320 19.06 14.41 -9.08
N VAL A 321 18.80 14.36 -10.38
CA VAL A 321 17.59 14.93 -10.94
C VAL A 321 17.41 14.29 -12.30
N ASN A 322 16.16 14.27 -12.75
CA ASN A 322 15.83 13.63 -14.00
C ASN A 322 15.12 14.59 -14.91
N LEU A 323 15.23 14.36 -16.21
CA LEU A 323 14.49 15.13 -17.19
C LEU A 323 14.02 14.19 -18.31
N LEU A 324 12.71 14.10 -18.50
CA LEU A 324 12.18 13.36 -19.63
C LEU A 324 12.73 13.89 -20.97
N LEU A 325 13.35 13.01 -21.74
CA LEU A 325 13.93 13.43 -23.01
C LEU A 325 12.82 13.67 -24.04
N ILE A 326 11.82 12.78 -24.07
CA ILE A 326 10.64 12.99 -24.91
C ILE A 326 9.45 13.40 -24.05
N ASP A 327 8.89 14.57 -24.30
CA ASP A 327 7.85 15.13 -23.42
C ASP A 327 6.47 14.55 -23.71
N HIS A 328 5.47 15.07 -23.01
CA HIS A 328 4.10 14.56 -23.05
C HIS A 328 3.39 14.72 -24.36
N ARG A 329 3.94 15.53 -25.26
CA ARG A 329 3.38 15.67 -26.60
C ARG A 329 4.25 15.00 -27.68
N PHE A 330 5.10 14.07 -27.26
CA PHE A 330 6.02 13.35 -28.14
C PHE A 330 7.09 14.25 -28.79
N LEU A 331 7.37 15.40 -28.17
CA LEU A 331 8.38 16.32 -28.71
C LEU A 331 9.70 16.07 -27.98
N LEU A 332 10.80 16.02 -28.73
CA LEU A 332 12.13 15.98 -28.12
C LEU A 332 12.33 17.22 -27.28
N ARG A 333 12.79 17.04 -26.06
CA ARG A 333 12.94 18.14 -25.13
C ARG A 333 14.08 19.01 -25.61
N ARG A 334 13.84 20.31 -25.65
CA ARG A 334 14.76 21.26 -26.28
C ARG A 334 14.93 22.53 -25.44
N GLY A 335 16.16 22.99 -25.31
CA GLY A 335 16.46 24.30 -24.72
C GLY A 335 17.19 24.27 -23.40
N GLU A 336 17.15 25.43 -22.72
CA GLU A 336 17.85 25.68 -21.47
C GLU A 336 17.05 25.22 -20.28
N TYR A 337 17.73 24.57 -19.34
CA TYR A 337 17.10 24.10 -18.09
C TYR A 337 18.01 24.37 -16.92
N VAL A 338 17.42 24.88 -15.84
CA VAL A 338 18.08 25.00 -14.55
C VAL A 338 17.29 24.09 -13.61
N LEU A 339 17.78 22.88 -13.43
CA LEU A 339 17.07 21.88 -12.66
C LEU A 339 17.60 21.85 -11.24
N HIS A 340 16.70 22.12 -10.29
CA HIS A 340 17.04 21.98 -8.89
C HIS A 340 16.95 20.54 -8.47
N MET A 341 18.00 20.08 -7.81
CA MET A 341 18.26 18.67 -7.60
C MET A 341 17.90 18.19 -6.21
N TRP A 342 17.78 16.88 -6.10
CA TRP A 342 17.48 16.18 -4.85
C TRP A 342 18.74 15.70 -4.23
N GLN A 343 18.77 15.71 -2.90
CA GLN A 343 19.93 15.25 -2.12
C GLN A 343 19.71 13.82 -1.71
N ILE A 344 20.80 13.06 -1.58
CA ILE A 344 20.75 11.68 -1.11
C ILE A 344 20.57 11.62 0.40
N SER A 345 19.91 10.55 0.86
CA SER A 345 19.65 10.29 2.28
C SER A 345 18.76 11.36 2.88
N SER A 353 20.74 1.00 -5.20
CA SER A 353 19.69 1.66 -4.44
C SER A 353 18.41 1.82 -5.28
N PHE A 354 17.51 0.86 -5.13
CA PHE A 354 16.19 0.90 -5.74
C PHE A 354 15.24 1.61 -4.77
N ASN A 355 15.08 2.90 -5.01
CA ASN A 355 14.16 3.75 -4.28
C ASN A 355 13.41 4.51 -5.35
N ALA A 356 12.08 4.45 -5.30
CA ALA A 356 11.24 5.12 -6.29
C ALA A 356 11.52 6.62 -6.41
N ASP A 357 11.96 7.25 -5.33
CA ASP A 357 12.21 8.68 -5.39
C ASP A 357 13.28 9.02 -6.45
N LYS A 358 14.25 8.13 -6.64
CA LYS A 358 15.28 8.33 -7.68
C LYS A 358 14.71 8.48 -9.09
N LEU A 359 13.50 8.01 -9.33
CA LEU A 359 12.94 8.01 -10.68
C LEU A 359 12.14 9.26 -11.03
N THR A 360 11.93 10.16 -10.07
CA THR A 360 10.95 11.23 -10.27
C THR A 360 11.45 12.24 -11.28
N SER A 361 10.52 12.84 -12.02
CA SER A 361 10.80 13.93 -12.96
C SER A 361 10.51 15.24 -12.28
N ALA A 362 10.01 15.17 -11.05
CA ALA A 362 9.85 16.38 -10.28
C ALA A 362 11.23 16.94 -9.93
N THR A 363 11.37 18.25 -10.04
CA THR A 363 12.56 18.92 -9.57
C THR A 363 12.32 19.29 -8.12
N ASN A 364 13.40 19.48 -7.39
CA ASN A 364 13.34 19.94 -6.00
C ASN A 364 12.82 21.40 -5.93
N PRO A 365 11.68 21.63 -5.24
CA PRO A 365 11.07 22.97 -5.15
C PRO A 365 11.72 23.93 -4.13
N ASP A 366 12.55 23.40 -3.25
CA ASP A 366 13.37 24.20 -2.34
C ASP A 366 14.54 24.81 -3.13
N LYS A 367 14.24 25.85 -3.91
CA LYS A 367 15.24 26.52 -4.76
C LYS A 367 16.33 27.24 -3.98
N GLU A 368 16.09 27.50 -2.70
CA GLU A 368 16.98 28.34 -1.91
C GLU A 368 18.15 27.61 -1.26
N ASN A 369 18.00 26.30 -1.02
CA ASN A 369 19.06 25.49 -0.42
C ASN A 369 19.63 24.44 -1.34
N SER A 370 18.90 24.10 -2.40
CA SER A 370 19.22 22.91 -3.18
C SER A 370 20.27 23.17 -4.25
N MET A 371 21.04 22.12 -4.53
CA MET A 371 21.99 22.08 -5.62
C MET A 371 21.25 22.18 -6.94
N SER A 372 21.71 23.04 -7.84
CA SER A 372 21.10 23.16 -9.15
C SER A 372 22.11 22.75 -10.23
N ILE A 373 21.61 22.39 -11.39
CA ILE A 373 22.44 22.08 -12.52
C ILE A 373 21.84 22.77 -13.74
N SER A 374 22.71 23.26 -14.61
CA SER A 374 22.29 24.00 -15.78
C SER A 374 22.72 23.24 -17.01
N ILE A 375 21.76 22.95 -17.88
CA ILE A 375 22.06 22.21 -19.08
C ILE A 375 21.47 22.89 -20.31
N LEU A 376 21.91 22.44 -21.48
CA LEU A 376 21.35 22.91 -22.73
C LEU A 376 21.11 21.73 -23.66
N LEU A 377 19.84 21.51 -23.97
CA LEU A 377 19.46 20.58 -25.00
C LEU A 377 19.21 21.35 -26.30
N ASP A 378 20.06 21.14 -27.30
CA ASP A 378 19.78 21.63 -28.65
C ASP A 378 20.15 20.52 -29.63
N ASN A 379 19.13 19.87 -30.18
CA ASN A 379 19.30 18.71 -31.05
C ASN A 379 18.56 18.87 -32.38
N GLU A 403 9.82 -24.13 -36.39
CA GLU A 403 9.62 -23.85 -34.97
C GLU A 403 10.67 -24.54 -34.11
N MET A 404 10.87 -24.02 -32.90
CA MET A 404 12.12 -24.22 -32.16
C MET A 404 12.43 -25.67 -31.75
N PRO A 405 13.73 -26.00 -31.56
CA PRO A 405 14.21 -27.28 -31.03
C PRO A 405 13.69 -27.59 -29.66
N ASN A 406 13.94 -28.80 -29.20
CA ASN A 406 13.45 -29.24 -27.91
C ASN A 406 14.26 -28.73 -26.73
N GLN A 407 15.58 -28.68 -26.84
CA GLN A 407 16.39 -28.24 -25.70
C GLN A 407 16.19 -26.77 -25.47
N LEU A 408 16.00 -26.02 -26.56
CA LEU A 408 15.79 -24.58 -26.48
C LEU A 408 14.45 -24.24 -25.84
N ARG A 409 13.42 -24.96 -26.23
CA ARG A 409 12.10 -24.85 -25.61
C ARG A 409 12.18 -25.05 -24.09
N LYS A 410 12.86 -26.12 -23.67
CA LYS A 410 13.03 -26.37 -22.25
C LYS A 410 13.84 -25.27 -21.56
N GLN A 411 14.88 -24.74 -22.22
CA GLN A 411 15.63 -23.62 -21.65
C GLN A 411 14.71 -22.41 -21.52
N LEU A 412 13.99 -22.12 -22.60
CA LEU A 412 13.03 -21.02 -22.60
C LEU A 412 11.98 -21.18 -21.51
N GLU A 413 11.48 -22.41 -21.35
CA GLU A 413 10.48 -22.70 -20.33
C GLU A 413 11.04 -22.55 -18.92
N ALA A 414 12.25 -23.05 -18.68
CA ALA A 414 12.94 -22.85 -17.41
C ALA A 414 13.06 -21.36 -17.05
N ILE A 415 13.46 -20.54 -18.02
CA ILE A 415 13.56 -19.10 -17.82
C ILE A 415 12.21 -18.48 -17.46
N ILE A 416 11.19 -18.78 -18.28
CA ILE A 416 9.82 -18.34 -18.04
C ILE A 416 9.27 -18.74 -16.68
N ALA A 417 9.75 -19.87 -16.15
CA ALA A 417 9.27 -20.39 -14.87
C ALA A 417 9.91 -19.72 -13.65
N THR A 418 11.05 -19.06 -13.83
CA THR A 418 11.75 -18.47 -12.68
C THR A 418 10.99 -17.28 -12.13
N ASP A 419 11.32 -16.92 -10.89
CA ASP A 419 10.64 -15.82 -10.18
C ASP A 419 11.03 -14.44 -10.75
N PRO A 420 10.24 -13.41 -10.42
CA PRO A 420 10.53 -12.07 -10.95
C PRO A 420 11.88 -11.48 -10.54
N LEU A 421 12.54 -12.07 -9.54
CA LEU A 421 13.82 -11.56 -9.06
C LEU A 421 14.98 -12.43 -9.51
N ASN A 422 14.72 -13.46 -10.30
CA ASN A 422 15.81 -14.18 -10.91
C ASN A 422 16.32 -13.28 -12.03
N PRO A 423 17.60 -12.89 -11.97
CA PRO A 423 18.11 -11.98 -12.99
C PRO A 423 18.26 -12.71 -14.31
N LEU A 424 17.84 -12.06 -15.40
CA LEU A 424 18.01 -12.61 -16.74
C LEU A 424 19.42 -12.31 -17.21
N THR A 425 20.12 -13.34 -17.71
CA THR A 425 21.42 -13.14 -18.35
C THR A 425 21.24 -12.63 -19.78
N ALA A 426 22.33 -12.15 -20.37
CA ALA A 426 22.32 -11.72 -21.76
C ALA A 426 21.86 -12.89 -22.65
N GLU A 427 22.38 -14.07 -22.36
CA GLU A 427 21.96 -15.29 -23.04
C GLU A 427 20.44 -15.50 -22.91
N ASP A 428 19.93 -15.39 -21.68
CA ASP A 428 18.48 -15.51 -21.42
C ASP A 428 17.67 -14.56 -22.27
N LYS A 429 18.08 -13.29 -22.30
CA LYS A 429 17.37 -12.23 -23.02
C LYS A 429 17.40 -12.45 -24.53
N GLU A 430 18.53 -12.88 -25.04
CA GLU A 430 18.67 -13.15 -26.48
C GLU A 430 17.73 -14.27 -26.89
N LEU A 431 17.56 -15.26 -26.03
CA LEU A 431 16.69 -16.40 -26.32
C LEU A 431 15.22 -15.97 -26.34
N LEU A 432 14.82 -15.19 -25.34
CA LEU A 432 13.46 -14.68 -25.26
C LEU A 432 13.16 -13.82 -26.47
N TRP A 433 14.10 -12.95 -26.83
CA TRP A 433 13.90 -12.06 -27.94
C TRP A 433 13.82 -12.81 -29.24
N HIS A 434 14.78 -13.67 -29.52
CA HIS A 434 14.71 -14.44 -30.76
C HIS A 434 13.46 -15.30 -30.86
N PHE A 435 13.02 -15.89 -29.74
CA PHE A 435 11.79 -16.67 -29.74
C PHE A 435 10.62 -15.86 -29.15
N ARG A 436 10.69 -14.56 -29.38
CA ARG A 436 9.59 -13.61 -29.28
C ARG A 436 8.20 -14.22 -29.36
N TYR A 437 7.88 -14.86 -30.47
CA TYR A 437 6.51 -15.28 -30.73
C TYR A 437 6.09 -16.49 -29.94
N GLU A 438 7.01 -17.42 -29.70
CA GLU A 438 6.77 -18.49 -28.75
C GLU A 438 6.64 -17.95 -27.34
N SER A 439 7.43 -16.94 -26.98
CA SER A 439 7.35 -16.34 -25.66
C SER A 439 6.02 -15.62 -25.45
N LEU A 440 5.46 -15.08 -26.53
CA LEU A 440 4.21 -14.33 -26.48
C LEU A 440 3.00 -15.22 -26.16
N LYS A 441 3.13 -16.52 -26.40
CA LYS A 441 2.09 -17.49 -26.06
C LYS A 441 1.95 -17.78 -24.56
N HIS A 442 2.91 -17.36 -23.76
CA HIS A 442 2.93 -17.62 -22.32
C HIS A 442 2.85 -16.31 -21.59
N PRO A 443 1.67 -15.96 -21.06
CA PRO A 443 1.57 -14.68 -20.34
C PRO A 443 2.62 -14.49 -19.24
N LYS A 444 2.99 -15.56 -18.56
CA LYS A 444 4.07 -15.47 -17.57
C LYS A 444 5.42 -15.00 -18.15
N ALA A 445 5.62 -15.14 -19.46
CA ALA A 445 6.87 -14.69 -20.09
C ALA A 445 6.95 -13.19 -20.22
N TYR A 446 5.83 -12.50 -20.09
CA TYR A 446 5.76 -11.13 -20.56
C TYR A 446 6.78 -10.21 -19.89
N PRO A 447 6.88 -10.25 -18.56
CA PRO A 447 7.88 -9.36 -17.93
C PRO A 447 9.29 -9.64 -18.40
N LYS A 448 9.65 -10.91 -18.52
CA LYS A 448 11.01 -11.25 -18.89
C LYS A 448 11.27 -10.89 -20.36
N LEU A 449 10.31 -11.17 -21.23
CA LEU A 449 10.41 -10.87 -22.65
C LEU A 449 10.58 -9.39 -22.82
N PHE A 450 9.73 -8.61 -22.16
CA PHE A 450 9.83 -7.16 -22.29
C PHE A 450 11.05 -6.54 -21.61
N SER A 451 11.66 -7.28 -20.68
CA SER A 451 12.98 -6.97 -20.17
C SER A 451 14.09 -7.46 -21.08
N SER A 452 13.76 -8.20 -22.14
CA SER A 452 14.77 -8.62 -23.11
C SER A 452 14.82 -7.70 -24.33
N VAL A 453 14.09 -6.61 -24.24
CA VAL A 453 13.98 -5.66 -25.33
C VAL A 453 15.06 -4.61 -25.14
N LYS A 454 15.78 -4.36 -26.23
CA LYS A 454 16.77 -3.28 -26.26
C LYS A 454 16.02 -2.02 -26.62
N TRP A 455 15.61 -1.28 -25.60
CA TRP A 455 14.79 -0.08 -25.78
C TRP A 455 15.53 1.06 -26.42
N GLY A 456 16.86 1.00 -26.41
CA GLY A 456 17.67 2.04 -27.02
C GLY A 456 17.84 1.91 -28.52
N GLN A 457 17.00 1.11 -29.17
CA GLN A 457 17.11 0.79 -30.61
C GLN A 457 15.71 0.85 -31.23
N GLN A 458 15.49 1.79 -32.13
CA GLN A 458 14.14 2.09 -32.62
C GLN A 458 13.49 0.91 -33.35
N GLU A 459 14.26 0.17 -34.15
CA GLU A 459 13.71 -0.98 -34.89
C GLU A 459 13.28 -2.13 -33.97
N ILE A 460 13.98 -2.31 -32.86
CA ILE A 460 13.61 -3.33 -31.87
C ILE A 460 12.31 -2.94 -31.20
N VAL A 461 12.19 -1.67 -30.86
CA VAL A 461 11.01 -1.16 -30.19
C VAL A 461 9.81 -1.25 -31.12
N ALA A 462 10.04 -1.05 -32.41
CA ALA A 462 8.98 -1.16 -33.42
C ALA A 462 8.49 -2.61 -33.51
N LYS A 463 9.43 -3.54 -33.54
CA LYS A 463 9.10 -4.96 -33.54
C LYS A 463 8.39 -5.34 -32.25
N THR A 464 8.78 -4.74 -31.14
CA THR A 464 8.12 -4.96 -29.86
C THR A 464 6.68 -4.48 -29.95
N TYR A 465 6.45 -3.36 -30.62
CA TYR A 465 5.10 -2.83 -30.80
C TYR A 465 4.28 -3.71 -31.76
N GLN A 466 4.89 -4.20 -32.83
CA GLN A 466 4.23 -5.20 -33.66
C GLN A 466 3.80 -6.36 -32.80
N LEU A 467 4.75 -6.86 -32.00
CA LEU A 467 4.51 -7.98 -31.10
C LEU A 467 3.29 -7.69 -30.20
N LEU A 468 3.19 -6.46 -29.71
CA LEU A 468 2.08 -6.07 -28.82
C LEU A 468 0.71 -6.05 -29.52
N ALA A 469 0.70 -5.99 -30.84
CA ALA A 469 -0.54 -6.04 -31.62
C ALA A 469 -1.06 -7.48 -31.79
N ARG A 470 -0.26 -8.46 -31.40
CA ARG A 470 -0.62 -9.86 -31.50
C ARG A 470 -0.89 -10.47 -30.12
N ARG A 471 -1.48 -9.71 -29.22
CA ARG A 471 -1.66 -10.21 -27.86
C ARG A 471 -3.08 -10.76 -27.62
N GLU A 472 -3.46 -11.72 -28.46
CA GLU A 472 -4.68 -12.47 -28.27
C GLU A 472 -4.59 -13.29 -26.98
N VAL A 473 -3.48 -14.01 -26.80
CA VAL A 473 -3.35 -14.93 -25.64
C VAL A 473 -3.32 -14.15 -24.33
N TRP A 474 -2.63 -13.02 -24.36
CA TRP A 474 -2.60 -12.10 -23.24
C TRP A 474 -3.97 -11.56 -22.97
N ASP A 475 -4.63 -11.04 -24.01
CA ASP A 475 -5.99 -10.51 -23.87
C ASP A 475 -6.98 -11.58 -23.40
N GLN A 476 -6.77 -12.83 -23.80
CA GLN A 476 -7.66 -13.93 -23.39
C GLN A 476 -7.33 -14.53 -22.01
N SER A 477 -6.09 -14.38 -21.57
CA SER A 477 -5.64 -14.97 -20.30
C SER A 477 -6.48 -14.47 -19.13
N ALA A 478 -6.67 -15.33 -18.13
CA ALA A 478 -7.31 -14.92 -16.88
C ALA A 478 -6.35 -14.00 -16.16
N LEU A 479 -6.90 -13.00 -15.49
CA LEU A 479 -6.11 -11.98 -14.82
C LEU A 479 -5.23 -12.59 -13.74
N ASP A 480 -3.92 -12.35 -13.85
CA ASP A 480 -2.99 -12.60 -12.75
C ASP A 480 -2.49 -11.25 -12.28
N VAL A 481 -2.85 -10.87 -11.05
CA VAL A 481 -2.45 -9.57 -10.54
C VAL A 481 -0.95 -9.52 -10.37
N GLY A 482 -0.38 -10.59 -9.87
CA GLY A 482 1.07 -10.69 -9.69
C GLY A 482 1.84 -10.39 -10.96
N LEU A 483 1.51 -11.11 -12.02
CA LEU A 483 2.12 -10.89 -13.33
C LEU A 483 1.86 -9.47 -13.79
N THR A 484 0.65 -8.99 -13.58
CA THR A 484 0.28 -7.64 -13.99
C THR A 484 1.02 -6.53 -13.26
N MET A 485 1.17 -6.68 -11.94
CA MET A 485 1.93 -5.74 -11.13
C MET A 485 3.39 -5.61 -11.56
N GLN A 486 3.99 -6.72 -12.00
CA GLN A 486 5.39 -6.68 -12.43
C GLN A 486 5.55 -5.74 -13.60
N LEU A 487 4.56 -5.71 -14.49
CA LEU A 487 4.61 -4.80 -15.62
C LEU A 487 4.43 -3.34 -15.24
N LEU A 488 3.96 -3.07 -14.01
CA LEU A 488 3.79 -1.71 -13.52
C LEU A 488 4.91 -1.26 -12.58
N ASP A 489 5.96 -2.05 -12.44
CA ASP A 489 7.02 -1.73 -11.51
C ASP A 489 8.06 -0.87 -12.21
N CYS A 490 9.23 -0.72 -11.59
CA CYS A 490 10.22 0.23 -12.07
C CYS A 490 11.00 -0.27 -13.28
N ASN A 491 10.81 -1.54 -13.62
CA ASN A 491 11.56 -2.14 -14.73
C ASN A 491 10.91 -1.88 -16.08
N PHE A 492 9.77 -1.19 -16.13
CA PHE A 492 9.06 -1.01 -17.42
C PHE A 492 8.66 0.45 -17.59
N SER A 493 9.31 1.17 -18.50
CA SER A 493 9.00 2.59 -18.75
C SER A 493 8.17 2.78 -20.01
N ASP A 494 7.91 1.71 -20.74
CA ASP A 494 7.19 1.85 -21.98
C ASP A 494 5.68 1.95 -21.69
N GLU A 495 5.01 2.91 -22.28
CA GLU A 495 3.60 3.10 -22.03
C GLU A 495 2.72 1.98 -22.57
N ASN A 496 3.11 1.38 -23.69
CA ASN A 496 2.30 0.35 -24.32
C ASN A 496 2.40 -0.96 -23.56
N VAL A 497 3.59 -1.30 -23.08
CA VAL A 497 3.73 -2.43 -22.17
C VAL A 497 2.90 -2.19 -20.91
N ARG A 498 3.13 -1.05 -20.27
CA ARG A 498 2.46 -0.75 -19.02
C ARG A 498 0.93 -0.73 -19.19
N ALA A 499 0.48 -0.36 -20.37
CA ALA A 499 -0.95 -0.25 -20.66
C ALA A 499 -1.60 -1.61 -20.81
N ILE A 500 -0.87 -2.60 -21.30
CA ILE A 500 -1.46 -3.92 -21.37
C ILE A 500 -1.64 -4.46 -19.95
N ALA A 501 -0.82 -3.96 -19.02
CA ALA A 501 -0.97 -4.27 -17.59
C ALA A 501 -2.25 -3.66 -17.05
N VAL A 502 -2.44 -2.38 -17.30
CA VAL A 502 -3.65 -1.68 -16.89
C VAL A 502 -4.89 -2.24 -17.59
N GLN A 503 -4.72 -2.70 -18.82
CA GLN A 503 -5.82 -3.34 -19.55
C GLN A 503 -6.37 -4.49 -18.73
N LYS A 504 -5.48 -5.31 -18.18
CA LYS A 504 -5.91 -6.45 -17.38
C LYS A 504 -6.54 -6.06 -16.05
N LEU A 505 -6.10 -4.94 -15.48
CA LEU A 505 -6.67 -4.45 -14.22
C LEU A 505 -8.13 -4.06 -14.38
N GLU A 506 -8.54 -3.75 -15.61
CA GLU A 506 -9.89 -3.26 -15.88
C GLU A 506 -10.95 -4.29 -15.48
N SER A 507 -10.60 -5.57 -15.48
CA SER A 507 -11.58 -6.61 -15.14
C SER A 507 -11.68 -6.88 -13.64
N LEU A 508 -10.85 -6.19 -12.84
CA LEU A 508 -10.92 -6.34 -11.39
C LEU A 508 -12.27 -5.81 -10.92
N GLU A 509 -13.00 -6.64 -10.19
CA GLU A 509 -14.19 -6.16 -9.48
C GLU A 509 -13.71 -5.22 -8.36
N ASP A 510 -14.57 -4.31 -7.93
CA ASP A 510 -14.25 -3.32 -6.91
C ASP A 510 -13.57 -3.88 -5.67
N ASP A 511 -14.02 -5.04 -5.21
CA ASP A 511 -13.44 -5.63 -4.02
C ASP A 511 -11.95 -5.83 -4.21
N ASP A 512 -11.56 -6.29 -5.40
CA ASP A 512 -10.14 -6.53 -5.70
C ASP A 512 -9.36 -5.25 -5.93
N VAL A 513 -9.96 -4.25 -6.55
CA VAL A 513 -9.29 -2.96 -6.66
C VAL A 513 -8.86 -2.47 -5.27
N LEU A 514 -9.78 -2.51 -4.31
CA LEU A 514 -9.50 -2.11 -2.92
C LEU A 514 -8.40 -2.93 -2.27
N HIS A 515 -8.37 -4.24 -2.53
CA HIS A 515 -7.24 -5.05 -2.08
C HIS A 515 -5.94 -4.56 -2.63
N TYR A 516 -5.92 -4.05 -3.85
CA TYR A 516 -4.64 -3.69 -4.45
C TYR A 516 -4.42 -2.19 -4.52
N LEU A 517 -5.32 -1.41 -3.95
CA LEU A 517 -5.35 0.03 -4.25
C LEU A 517 -4.10 0.75 -3.78
N LEU A 518 -3.67 0.48 -2.54
CA LEU A 518 -2.49 1.12 -1.99
C LEU A 518 -1.27 0.94 -2.91
N GLN A 519 -1.02 -0.29 -3.32
CA GLN A 519 0.12 -0.52 -4.16
C GLN A 519 -0.08 -0.11 -5.62
N LEU A 520 -1.33 -0.04 -6.09
CA LEU A 520 -1.58 0.57 -7.40
C LEU A 520 -1.30 2.07 -7.33
N VAL A 521 -1.68 2.72 -6.23
CA VAL A 521 -1.35 4.12 -6.05
C VAL A 521 0.15 4.32 -5.93
N GLN A 522 0.83 3.47 -5.17
CA GLN A 522 2.28 3.57 -5.10
C GLN A 522 2.95 3.37 -6.46
N ALA A 523 2.38 2.52 -7.31
CA ALA A 523 3.00 2.20 -8.60
C ALA A 523 2.94 3.35 -9.58
N VAL A 524 2.09 4.33 -9.30
CA VAL A 524 2.03 5.56 -10.09
C VAL A 524 3.38 6.27 -10.07
N LYS A 525 4.14 6.04 -9.00
CA LYS A 525 5.47 6.55 -8.88
C LYS A 525 6.40 5.99 -9.96
N PHE A 526 6.07 4.84 -10.53
CA PHE A 526 6.92 4.22 -11.58
C PHE A 526 6.48 4.65 -12.98
N GLU A 527 5.43 5.45 -13.07
CA GLU A 527 5.02 6.00 -14.35
C GLU A 527 5.98 7.11 -14.82
N PRO A 528 6.48 7.03 -16.06
CA PRO A 528 7.26 8.10 -16.65
C PRO A 528 6.51 9.43 -16.70
N TYR A 529 5.23 9.39 -17.06
CA TYR A 529 4.44 10.61 -17.30
C TYR A 529 3.31 10.72 -16.30
N HIS A 530 2.87 11.96 -16.06
CA HIS A 530 1.86 12.22 -15.05
C HIS A 530 0.56 11.66 -15.50
N ASP A 531 0.26 11.82 -16.77
CA ASP A 531 -0.94 11.28 -17.36
C ASP A 531 -0.57 9.89 -17.83
N SER A 532 -1.12 8.87 -17.19
CA SER A 532 -0.85 7.50 -17.55
C SER A 532 -2.14 6.68 -17.55
N ALA A 533 -2.12 5.56 -18.25
CA ALA A 533 -3.23 4.64 -18.21
C ALA A 533 -3.54 4.21 -16.77
N LEU A 534 -2.52 4.10 -15.93
CA LEU A 534 -2.71 3.69 -14.54
C LEU A 534 -3.38 4.76 -13.71
N ALA A 535 -2.92 6.00 -13.84
CA ALA A 535 -3.49 7.14 -13.13
C ALA A 535 -4.97 7.31 -13.47
N ARG A 536 -5.30 7.07 -14.73
CA ARG A 536 -6.66 7.16 -15.24
C ARG A 536 -7.50 5.97 -14.84
N PHE A 537 -6.89 4.80 -14.71
CA PHE A 537 -7.61 3.67 -14.17
C PHE A 537 -7.99 3.97 -12.72
N LEU A 538 -7.06 4.48 -11.93
CA LEU A 538 -7.35 4.76 -10.53
C LEU A 538 -8.41 5.84 -10.45
N LEU A 539 -8.28 6.85 -11.31
CA LEU A 539 -9.30 7.92 -11.43
C LEU A 539 -10.67 7.32 -11.71
N LYS A 540 -10.73 6.46 -12.71
CA LYS A 540 -11.99 5.88 -13.15
C LYS A 540 -12.63 5.07 -12.02
N ARG A 541 -11.87 4.12 -11.46
CA ARG A 541 -12.42 3.22 -10.46
C ARG A 541 -12.81 3.92 -9.16
N GLY A 542 -12.12 5.00 -8.82
CA GLY A 542 -12.44 5.79 -7.67
C GLY A 542 -13.74 6.55 -7.86
N LEU A 543 -13.95 7.07 -9.07
CA LEU A 543 -15.16 7.81 -9.38
C LEU A 543 -16.40 6.90 -9.51
N ARG A 544 -16.18 5.64 -9.86
CA ARG A 544 -17.25 4.66 -9.97
C ARG A 544 -17.72 4.12 -8.61
N ASN A 545 -16.89 4.28 -7.58
CA ASN A 545 -17.17 3.67 -6.28
C ASN A 545 -16.61 4.51 -5.12
N LYS A 546 -17.51 4.99 -4.27
CA LYS A 546 -17.18 5.80 -3.08
C LYS A 546 -16.19 5.18 -2.12
N ARG A 547 -16.18 3.86 -1.98
CA ARG A 547 -15.21 3.23 -1.10
C ARG A 547 -13.80 3.29 -1.69
N ILE A 548 -13.66 2.98 -2.97
CA ILE A 548 -12.39 3.13 -3.63
C ILE A 548 -11.99 4.60 -3.60
N GLY A 549 -12.90 5.47 -4.00
CA GLY A 549 -12.63 6.92 -4.01
C GLY A 549 -12.22 7.47 -2.65
N HIS A 550 -12.86 7.00 -1.58
CA HIS A 550 -12.47 7.40 -0.22
C HIS A 550 -11.03 7.06 0.07
N PHE A 551 -10.69 5.81 -0.15
CA PHE A 551 -9.32 5.40 0.12
C PHE A 551 -8.34 6.00 -0.87
N LEU A 552 -8.75 6.17 -2.11
CA LEU A 552 -7.91 6.84 -3.08
C LEU A 552 -7.54 8.23 -2.56
N PHE A 553 -8.54 8.97 -2.05
CA PHE A 553 -8.29 10.28 -1.48
C PHE A 553 -7.14 10.23 -0.48
N TRP A 554 -7.25 9.34 0.49
CA TRP A 554 -6.30 9.29 1.60
C TRP A 554 -4.97 8.77 1.21
N PHE A 555 -4.95 7.79 0.31
CA PHE A 555 -3.69 7.24 -0.14
C PHE A 555 -2.97 8.33 -0.94
N LEU A 556 -3.66 8.93 -1.90
CA LEU A 556 -3.06 10.03 -2.64
C LEU A 556 -2.59 11.12 -1.70
N ARG A 557 -3.43 11.48 -0.73
CA ARG A 557 -3.12 12.60 0.17
C ARG A 557 -1.95 12.30 1.08
N SER A 558 -1.86 11.06 1.50
CA SER A 558 -0.71 10.60 2.27
C SER A 558 0.61 10.93 1.60
N GLU A 559 0.67 10.76 0.28
CA GLU A 559 1.90 11.06 -0.47
C GLU A 559 2.06 12.54 -0.76
N ILE A 560 0.94 13.22 -1.00
CA ILE A 560 1.00 14.65 -1.30
C ILE A 560 1.54 15.43 -0.09
N ALA A 561 1.27 14.94 1.11
CA ALA A 561 1.65 15.65 2.35
C ALA A 561 3.09 15.44 2.76
N GLN A 562 3.76 14.41 2.26
CA GLN A 562 5.12 14.15 2.72
C GLN A 562 6.14 13.72 1.65
N SER A 563 5.70 13.60 0.40
CA SER A 563 6.61 13.29 -0.69
C SER A 563 6.78 14.51 -1.58
N ARG A 564 7.94 15.14 -1.49
CA ARG A 564 8.26 16.25 -2.40
C ARG A 564 8.45 15.65 -3.79
N HIS A 565 8.98 14.43 -3.82
CA HIS A 565 9.26 13.74 -5.07
C HIS A 565 8.07 13.48 -5.94
N TYR A 566 6.90 13.31 -5.35
CA TYR A 566 5.71 12.95 -6.12
C TYR A 566 4.41 13.74 -5.80
N GLN A 567 4.46 14.66 -4.84
CA GLN A 567 3.25 15.42 -4.50
C GLN A 567 2.58 16.10 -5.69
N GLN A 568 3.35 16.58 -6.66
CA GLN A 568 2.74 17.30 -7.78
C GLN A 568 1.88 16.40 -8.64
N ARG A 569 2.42 15.24 -8.96
CA ARG A 569 1.71 14.25 -9.77
C ARG A 569 0.44 13.82 -9.05
N PHE A 570 0.59 13.41 -7.80
CA PHE A 570 -0.53 12.90 -7.04
C PHE A 570 -1.59 13.98 -6.79
N ALA A 571 -1.15 15.22 -6.59
CA ALA A 571 -2.07 16.37 -6.44
C ALA A 571 -2.97 16.53 -7.66
N VAL A 572 -2.38 16.41 -8.84
CA VAL A 572 -3.13 16.51 -10.08
C VAL A 572 -4.14 15.38 -10.20
N ILE A 573 -3.75 14.18 -9.80
CA ILE A 573 -4.64 13.03 -9.85
C ILE A 573 -5.75 13.21 -8.82
N LEU A 574 -5.40 13.73 -7.65
CA LEU A 574 -6.37 13.87 -6.56
C LEU A 574 -7.37 14.96 -6.89
N GLU A 575 -6.87 16.08 -7.41
CA GLU A 575 -7.75 17.15 -7.92
C GLU A 575 -8.73 16.60 -8.93
N ALA A 576 -8.22 15.78 -9.85
CA ALA A 576 -9.07 15.23 -10.91
C ALA A 576 -10.16 14.32 -10.31
N TYR A 577 -9.81 13.60 -9.25
CA TYR A 577 -10.77 12.75 -8.53
C TYR A 577 -11.81 13.61 -7.84
N LEU A 578 -11.35 14.64 -7.14
CA LEU A 578 -12.21 15.47 -6.34
C LEU A 578 -13.27 16.19 -7.17
N ARG A 579 -12.93 16.58 -8.39
CA ARG A 579 -13.86 17.28 -9.28
C ARG A 579 -14.94 16.36 -9.84
N GLY A 580 -14.87 15.08 -9.51
CA GLY A 580 -15.87 14.13 -9.96
C GLY A 580 -16.53 13.34 -8.84
N CYS A 581 -16.04 13.46 -7.62
CA CYS A 581 -16.53 12.59 -6.56
C CYS A 581 -17.93 13.00 -6.09
N GLY A 582 -18.32 14.25 -6.39
CA GLY A 582 -19.65 14.76 -6.03
C GLY A 582 -19.66 15.49 -4.70
N THR A 583 -20.32 16.65 -4.68
CA THR A 583 -20.39 17.59 -3.53
C THR A 583 -20.50 16.95 -2.16
N ALA A 584 -21.25 15.86 -2.05
CA ALA A 584 -21.41 15.18 -0.77
C ALA A 584 -20.05 14.75 -0.25
N MET A 585 -19.30 14.01 -1.07
CA MET A 585 -17.98 13.55 -0.66
C MET A 585 -17.00 14.72 -0.40
N LEU A 586 -17.16 15.82 -1.15
CA LEU A 586 -16.32 17.00 -0.92
C LEU A 586 -16.49 17.55 0.49
N HIS A 587 -17.73 17.89 0.85
CA HIS A 587 -18.08 18.26 2.21
C HIS A 587 -17.57 17.20 3.16
N ASP A 588 -17.80 15.95 2.82
CA ASP A 588 -17.43 14.85 3.69
C ASP A 588 -15.92 14.85 3.91
N PHE A 589 -15.15 14.86 2.82
CA PHE A 589 -13.68 14.92 2.91
C PHE A 589 -13.21 16.17 3.66
N THR A 590 -13.86 17.30 3.42
CA THR A 590 -13.48 18.55 4.07
C THR A 590 -13.58 18.41 5.58
N GLN A 591 -14.67 17.79 6.01
CA GLN A 591 -14.91 17.51 7.42
C GLN A 591 -13.79 16.64 8.02
N GLN A 592 -13.41 15.58 7.31
CA GLN A 592 -12.38 14.68 7.82
C GLN A 592 -11.02 15.36 7.95
N VAL A 593 -10.68 16.24 7.01
CA VAL A 593 -9.36 16.86 7.01
C VAL A 593 -9.30 17.85 8.16
N GLN A 594 -10.40 18.56 8.37
CA GLN A 594 -10.47 19.52 9.45
C GLN A 594 -10.31 18.85 10.80
N VAL A 595 -10.92 17.69 10.98
CA VAL A 595 -10.77 16.94 12.22
C VAL A 595 -9.34 16.43 12.43
N ILE A 596 -8.70 15.84 11.41
CA ILE A 596 -7.34 15.30 11.63
C ILE A 596 -6.31 16.42 11.81
N GLU A 597 -6.55 17.57 11.20
CA GLU A 597 -5.70 18.73 11.45
C GLU A 597 -5.84 19.22 12.89
N MET A 598 -7.06 19.19 13.42
CA MET A 598 -7.29 19.55 14.82
C MET A 598 -6.60 18.57 15.73
N LEU A 599 -6.78 17.28 15.47
CA LEU A 599 -6.24 16.24 16.34
C LEU A 599 -4.73 16.13 16.22
N GLN A 600 -4.19 16.23 15.01
CA GLN A 600 -2.73 16.24 14.83
C GLN A 600 -2.10 17.38 15.64
N LYS A 601 -2.75 18.54 15.64
CA LYS A 601 -2.29 19.70 16.43
C LYS A 601 -2.19 19.35 17.91
N VAL A 602 -3.27 18.80 18.45
CA VAL A 602 -3.28 18.43 19.87
C VAL A 602 -2.21 17.37 20.10
N THR A 603 -2.11 16.40 19.20
CA THR A 603 -1.09 15.36 19.31
C THR A 603 0.32 15.93 19.42
N LEU A 604 0.66 16.86 18.53
CA LEU A 604 1.99 17.45 18.52
C LEU A 604 2.25 18.32 19.75
N ASP A 605 1.26 19.12 20.14
CA ASP A 605 1.41 20.05 21.27
C ASP A 605 1.68 19.31 22.59
N ILE A 606 0.95 18.22 22.82
CA ILE A 606 1.16 17.40 24.02
C ILE A 606 2.55 16.78 24.02
N LYS A 607 3.01 16.38 22.83
CA LYS A 607 4.32 15.75 22.68
C LYS A 607 5.45 16.67 23.15
N SER A 608 5.36 17.96 22.81
CA SER A 608 6.33 18.97 23.26
C SER A 608 6.42 19.06 24.77
N LEU A 609 5.29 18.87 25.45
CA LEU A 609 5.20 19.01 26.90
C LEU A 609 5.80 17.84 27.70
N SER A 610 6.65 17.03 27.06
CA SER A 610 7.42 16.01 27.76
C SER A 610 8.91 16.10 27.41
N ASP A 615 6.81 8.29 32.43
CA ASP A 615 5.37 8.30 32.68
C ASP A 615 4.75 9.67 32.39
N VAL A 616 3.47 9.66 32.07
CA VAL A 616 2.74 10.88 31.74
C VAL A 616 2.44 11.65 33.01
N SER A 617 2.98 12.85 33.11
CA SER A 617 2.89 13.63 34.35
C SER A 617 1.50 14.22 34.59
N SER A 618 1.35 14.86 35.75
CA SER A 618 0.13 15.56 36.13
C SER A 618 -0.30 16.57 35.04
N GLN A 619 0.58 17.54 34.78
CA GLN A 619 0.28 18.66 33.88
C GLN A 619 -0.08 18.22 32.46
N VAL A 620 0.45 17.08 32.04
CA VAL A 620 0.16 16.56 30.71
C VAL A 620 -1.27 16.05 30.65
N ILE A 621 -1.62 15.14 31.56
CA ILE A 621 -2.98 14.59 31.63
C ILE A 621 -4.01 15.70 31.81
N SER A 622 -3.59 16.76 32.50
CA SER A 622 -4.43 17.94 32.67
C SER A 622 -4.61 18.68 31.34
N GLN A 623 -3.50 19.06 30.72
CA GLN A 623 -3.53 19.87 29.49
C GLN A 623 -4.26 19.16 28.33
N LEU A 624 -3.94 17.89 28.09
CA LEU A 624 -4.57 17.12 27.02
C LEU A 624 -6.09 17.21 27.12
N LYS A 625 -6.62 16.89 28.30
CA LYS A 625 -8.07 16.82 28.50
C LYS A 625 -8.74 18.18 28.37
N GLN A 626 -8.08 19.23 28.84
CA GLN A 626 -8.56 20.58 28.61
C GLN A 626 -8.61 20.86 27.09
N LYS A 627 -7.51 20.57 26.40
CA LYS A 627 -7.44 20.82 24.96
C LYS A 627 -8.49 20.02 24.20
N LEU A 628 -8.76 18.79 24.63
CA LEU A 628 -9.85 18.02 24.06
C LEU A 628 -11.20 18.67 24.37
N GLU A 629 -11.38 19.11 25.61
CA GLU A 629 -12.61 19.80 25.99
C GLU A 629 -12.76 21.14 25.24
N ASN A 630 -11.64 21.78 24.92
CA ASN A 630 -11.68 23.05 24.19
C ASN A 630 -11.99 22.87 22.71
N LEU A 631 -11.44 21.83 22.10
CA LEU A 631 -11.78 21.45 20.72
C LEU A 631 -13.24 21.00 20.63
N GLN A 632 -13.66 20.21 21.61
CA GLN A 632 -15.03 19.70 21.67
C GLN A 632 -16.07 20.83 21.67
N ASN A 633 -15.83 21.86 22.48
CA ASN A 633 -16.83 22.91 22.70
C ASN A 633 -17.02 23.87 21.53
N SER A 634 -16.10 23.86 20.56
CA SER A 634 -16.13 24.86 19.49
C SER A 634 -15.80 24.34 18.10
N GLN A 635 -14.60 23.77 17.95
CA GLN A 635 -14.00 23.51 16.62
C GLN A 635 -14.53 22.25 15.93
N LEU A 636 -14.66 21.18 16.70
CA LEU A 636 -14.96 19.84 16.16
C LEU A 636 -16.39 19.77 15.60
N PRO A 637 -16.57 19.07 14.45
CA PRO A 637 -17.90 18.98 13.84
C PRO A 637 -18.85 18.01 14.56
N GLU A 638 -20.13 18.10 14.21
CA GLU A 638 -21.15 17.18 14.74
C GLU A 638 -20.70 15.73 14.61
N SER A 639 -20.15 15.38 13.46
CA SER A 639 -19.74 14.02 13.15
C SER A 639 -18.81 13.98 11.95
N PHE A 640 -18.00 12.94 11.85
CA PHE A 640 -17.11 12.78 10.72
C PHE A 640 -16.79 11.32 10.43
N ARG A 641 -16.43 11.06 9.18
CA ARG A 641 -16.07 9.72 8.75
C ARG A 641 -14.72 9.32 9.27
N VAL A 642 -14.62 8.07 9.68
CA VAL A 642 -13.38 7.52 10.20
C VAL A 642 -12.56 7.21 8.98
N PRO A 643 -11.45 7.93 8.78
CA PRO A 643 -10.74 7.72 7.52
C PRO A 643 -10.43 6.27 7.21
N TYR A 644 -10.10 5.47 8.23
CA TYR A 644 -9.70 4.06 7.99
C TYR A 644 -10.89 3.10 7.90
N ASP A 645 -12.10 3.59 8.17
CA ASP A 645 -13.29 2.75 8.13
C ASP A 645 -14.45 3.63 7.72
N PRO A 646 -14.53 3.96 6.41
CA PRO A 646 -15.48 4.95 5.91
C PRO A 646 -16.93 4.67 6.27
N GLY A 647 -17.27 3.43 6.57
CA GLY A 647 -18.62 3.12 7.06
C GLY A 647 -18.95 3.77 8.40
N LEU A 648 -17.97 3.80 9.31
CA LEU A 648 -18.19 4.36 10.65
C LEU A 648 -18.08 5.88 10.68
N LYS A 649 -19.09 6.53 11.26
CA LYS A 649 -19.06 7.96 11.51
C LYS A 649 -18.84 8.18 13.00
N ALA A 650 -17.80 8.92 13.34
CA ALA A 650 -17.49 9.24 14.72
C ALA A 650 -18.23 10.52 15.10
N GLY A 651 -18.44 10.72 16.40
CA GLY A 651 -19.13 11.90 16.92
C GLY A 651 -18.29 12.60 17.97
N ALA A 652 -18.87 12.79 19.14
CA ALA A 652 -18.24 13.54 20.23
C ALA A 652 -17.17 12.70 20.94
N LEU A 653 -16.08 13.35 21.33
CA LEU A 653 -15.04 12.64 22.07
C LEU A 653 -15.54 12.09 23.41
N ALA A 654 -14.94 11.01 23.86
CA ALA A 654 -15.10 10.54 25.24
C ALA A 654 -13.87 11.04 25.98
N ILE A 655 -13.86 12.31 26.33
CA ILE A 655 -12.68 12.95 26.92
C ILE A 655 -12.20 12.13 28.11
N GLU A 656 -13.16 11.68 28.91
CA GLU A 656 -12.97 10.66 29.93
C GLU A 656 -11.94 9.58 29.56
N LYS A 657 -12.12 8.96 28.39
CA LYS A 657 -11.36 7.76 28.00
C LYS A 657 -10.08 8.03 27.21
N CYS A 658 -9.85 9.29 26.86
CA CYS A 658 -8.67 9.67 26.09
C CYS A 658 -7.45 9.78 26.98
N LYS A 659 -6.30 9.32 26.48
CA LYS A 659 -5.06 9.32 27.26
C LYS A 659 -3.82 9.37 26.36
N VAL A 660 -2.65 9.51 26.97
CA VAL A 660 -1.37 9.54 26.27
C VAL A 660 -0.48 8.40 26.79
N MET A 661 0.24 7.73 25.90
CA MET A 661 1.04 6.58 26.29
C MET A 661 2.27 6.99 27.07
N ALA A 662 2.59 6.23 28.11
CA ALA A 662 3.85 6.40 28.84
C ALA A 662 4.98 5.91 27.95
N SER A 663 5.29 6.72 26.94
CA SER A 663 6.29 6.37 25.90
C SER A 663 7.00 7.63 25.45
N LYS A 664 8.06 7.46 24.66
CA LYS A 664 8.84 8.60 24.17
C LYS A 664 8.13 9.34 23.02
N LYS A 665 7.31 8.63 22.25
CA LYS A 665 6.57 9.26 21.16
C LYS A 665 5.24 9.86 21.63
N LYS A 666 4.80 9.49 22.84
CA LYS A 666 3.61 10.07 23.46
C LYS A 666 2.39 10.15 22.54
N PRO A 667 1.99 9.02 21.92
CA PRO A 667 0.79 9.04 21.08
C PRO A 667 -0.50 9.23 21.87
N LEU A 668 -1.53 9.72 21.18
CA LEU A 668 -2.84 9.95 21.78
C LEU A 668 -3.81 8.81 21.53
N TRP A 669 -4.39 8.31 22.61
CA TRP A 669 -5.48 7.36 22.54
C TRP A 669 -6.74 8.15 22.61
N LEU A 670 -7.52 8.18 21.55
CA LEU A 670 -8.77 8.91 21.54
C LEU A 670 -9.93 7.95 21.35
N GLU A 671 -11.05 8.26 21.99
CA GLU A 671 -12.26 7.49 21.81
C GLU A 671 -13.38 8.47 21.50
N PHE A 672 -14.26 8.07 20.59
CA PHE A 672 -15.34 8.90 20.12
C PHE A 672 -16.63 8.13 20.28
N LYS A 673 -17.74 8.87 20.36
CA LYS A 673 -19.07 8.28 20.24
C LYS A 673 -19.38 8.04 18.76
N CYS A 674 -20.25 7.06 18.50
CA CYS A 674 -20.74 6.85 17.16
C CYS A 674 -21.87 7.83 16.89
N ALA A 675 -21.75 8.62 15.83
CA ALA A 675 -22.78 9.61 15.49
C ALA A 675 -24.13 9.02 15.06
N ASP A 676 -24.21 7.69 14.95
CA ASP A 676 -25.35 7.05 14.35
C ASP A 676 -26.27 6.44 15.39
N PRO A 677 -27.43 7.06 15.65
CA PRO A 677 -28.36 6.57 16.68
C PRO A 677 -28.70 5.09 16.52
N THR A 678 -28.89 4.65 15.28
CA THR A 678 -29.26 3.26 15.00
C THR A 678 -28.13 2.25 15.29
N ALA A 679 -26.95 2.73 15.69
CA ALA A 679 -25.87 1.87 16.15
C ALA A 679 -26.29 0.99 17.32
N LEU A 680 -26.02 -0.31 17.21
CA LEU A 680 -26.52 -1.29 18.18
C LEU A 680 -25.67 -1.27 19.44
N SER A 681 -24.35 -1.32 19.27
CA SER A 681 -23.42 -1.32 20.39
C SER A 681 -23.36 0.04 21.07
N ASN A 682 -22.66 0.05 22.20
CA ASN A 682 -22.26 1.25 22.91
C ASN A 682 -20.76 1.51 22.74
N GLU A 683 -20.09 0.59 22.02
CA GLU A 683 -18.66 0.66 21.81
C GLU A 683 -18.26 1.99 21.22
N THR A 684 -17.20 2.57 21.77
CA THR A 684 -16.63 3.78 21.22
C THR A 684 -15.86 3.42 19.95
N ILE A 685 -15.60 4.44 19.14
CA ILE A 685 -14.70 4.32 18.04
C ILE A 685 -13.36 4.83 18.57
N GLY A 686 -12.32 4.01 18.43
CA GLY A 686 -11.03 4.33 19.03
C GLY A 686 -10.02 4.64 17.97
N ILE A 687 -9.32 5.76 18.11
CA ILE A 687 -8.28 6.15 17.18
C ILE A 687 -7.06 6.61 17.94
N ILE A 688 -5.92 6.01 17.63
CA ILE A 688 -4.62 6.44 18.12
C ILE A 688 -4.05 7.44 17.13
N PHE A 689 -3.63 8.61 17.62
CA PHE A 689 -2.87 9.55 16.82
C PHE A 689 -1.43 9.55 17.29
N LYS A 690 -0.51 9.35 16.37
CA LYS A 690 0.90 9.22 16.71
C LYS A 690 1.80 10.04 15.77
N HIS A 691 2.77 10.72 16.37
CA HIS A 691 3.87 11.35 15.67
C HIS A 691 5.12 10.62 16.07
N GLY A 692 6.04 10.44 15.11
CA GLY A 692 7.32 9.83 15.38
C GLY A 692 7.63 8.65 14.47
N ASP A 693 6.60 7.87 14.15
CA ASP A 693 6.71 6.73 13.23
C ASP A 693 6.33 7.09 11.80
N ASP A 694 7.02 6.51 10.83
CA ASP A 694 6.58 6.57 9.44
C ASP A 694 5.49 5.52 9.22
N LEU A 695 4.24 5.97 9.27
CA LEU A 695 3.11 5.07 9.12
C LEU A 695 2.84 4.65 7.67
N ARG A 696 3.56 5.18 6.69
CA ARG A 696 3.48 4.64 5.34
C ARG A 696 3.91 3.18 5.32
N GLN A 697 4.94 2.87 6.09
CA GLN A 697 5.48 1.53 6.11
C GLN A 697 4.43 0.61 6.71
N ASP A 698 3.79 1.06 7.78
CA ASP A 698 2.72 0.31 8.40
C ASP A 698 1.57 0.09 7.42
N MET A 699 1.12 1.13 6.76
CA MET A 699 0.06 0.96 5.78
C MET A 699 0.40 -0.16 4.81
N LEU A 700 1.60 -0.12 4.26
CA LEU A 700 2.02 -1.11 3.28
C LEU A 700 2.02 -2.53 3.84
N ILE A 701 2.58 -2.70 5.03
CA ILE A 701 2.64 -4.02 5.67
C ILE A 701 1.25 -4.51 6.00
N LEU A 702 0.41 -3.63 6.52
CA LEU A 702 -0.96 -4.02 6.86
C LEU A 702 -1.75 -4.42 5.62
N GLN A 703 -1.52 -3.72 4.52
CA GLN A 703 -2.18 -4.08 3.26
C GLN A 703 -1.70 -5.43 2.72
N ILE A 704 -0.40 -5.70 2.79
CA ILE A 704 0.09 -6.99 2.38
C ILE A 704 -0.49 -8.09 3.27
N LEU A 705 -0.71 -7.80 4.56
CA LEU A 705 -1.38 -8.77 5.43
C LEU A 705 -2.81 -9.03 4.98
N ARG A 706 -3.48 -8.02 4.44
CA ARG A 706 -4.84 -8.23 3.90
C ARG A 706 -4.81 -9.06 2.65
N ILE A 707 -3.79 -8.87 1.83
CA ILE A 707 -3.64 -9.66 0.64
C ILE A 707 -3.39 -11.13 0.99
N MET A 708 -2.59 -11.36 2.03
CA MET A 708 -2.27 -12.69 2.49
C MET A 708 -3.54 -13.37 2.97
N GLU A 709 -4.35 -12.64 3.72
CA GLU A 709 -5.65 -13.15 4.12
C GLU A 709 -6.51 -13.56 2.93
N SER A 710 -6.57 -12.76 1.87
CA SER A 710 -7.43 -13.12 0.74
C SER A 710 -6.89 -14.36 0.01
N ILE A 711 -5.57 -14.51 0.02
CA ILE A 711 -4.91 -15.69 -0.54
C ILE A 711 -5.37 -16.92 0.22
N TRP A 712 -5.22 -16.84 1.53
CA TRP A 712 -5.61 -17.92 2.38
C TRP A 712 -7.07 -18.25 2.19
N GLU A 713 -7.91 -17.24 2.01
CA GLU A 713 -9.33 -17.46 1.71
C GLU A 713 -9.56 -18.33 0.47
N THR A 714 -8.73 -18.17 -0.57
CA THR A 714 -8.91 -18.95 -1.81
C THR A 714 -8.68 -20.43 -1.54
N GLU A 715 -7.84 -20.74 -0.54
CA GLU A 715 -7.63 -22.11 -0.08
C GLU A 715 -8.43 -22.39 1.20
N SER A 716 -9.55 -21.69 1.37
CA SER A 716 -10.48 -21.92 2.47
C SER A 716 -9.80 -21.98 3.84
N LEU A 717 -8.80 -21.13 4.03
CA LEU A 717 -8.02 -21.09 5.25
C LEU A 717 -8.18 -19.70 5.85
N ASP A 718 -8.58 -19.65 7.11
CA ASP A 718 -8.67 -18.42 7.85
C ASP A 718 -7.52 -18.48 8.84
N LEU A 719 -6.79 -17.38 9.00
CA LEU A 719 -5.77 -17.31 10.05
C LEU A 719 -6.00 -16.16 11.02
N CYS A 720 -7.21 -15.61 11.00
CA CYS A 720 -7.65 -14.57 11.92
C CYS A 720 -6.65 -13.43 12.17
N LEU A 721 -5.97 -12.96 11.13
CA LEU A 721 -5.10 -11.81 11.28
C LEU A 721 -5.93 -10.62 11.69
N LEU A 722 -5.25 -9.59 12.17
CA LEU A 722 -5.92 -8.38 12.59
C LEU A 722 -5.18 -7.19 12.00
N PRO A 723 -5.36 -6.98 10.68
CA PRO A 723 -4.76 -5.86 10.02
C PRO A 723 -5.58 -4.63 10.31
N TYR A 724 -5.23 -3.98 11.41
CA TYR A 724 -5.99 -2.87 11.91
C TYR A 724 -5.79 -1.65 11.01
N GLY A 725 -6.77 -0.76 10.99
CA GLY A 725 -6.75 0.41 10.14
C GLY A 725 -5.60 1.32 10.53
N CYS A 726 -4.99 1.93 9.53
CA CYS A 726 -3.86 2.77 9.72
C CYS A 726 -3.78 3.69 8.53
N ILE A 727 -3.63 4.99 8.74
CA ILE A 727 -3.53 5.93 7.63
C ILE A 727 -2.47 6.96 7.96
N SER A 728 -1.41 7.01 7.15
CA SER A 728 -0.43 8.05 7.27
C SER A 728 -1.06 9.31 6.72
N THR A 729 -1.07 10.38 7.52
CA THR A 729 -1.67 11.66 7.12
C THR A 729 -0.65 12.76 6.81
N GLY A 730 0.60 12.56 7.19
CA GLY A 730 1.65 13.53 6.98
C GLY A 730 3.02 12.99 7.40
N ASP A 731 3.98 13.89 7.43
CA ASP A 731 5.36 13.58 7.82
C ASP A 731 5.44 12.94 9.21
N LYS A 732 5.90 11.68 9.27
CA LYS A 732 5.98 10.89 10.52
C LYS A 732 4.72 10.96 11.39
N ILE A 733 3.54 11.10 10.78
CA ILE A 733 2.32 11.30 11.53
C ILE A 733 1.10 10.62 10.91
N GLY A 734 0.17 10.17 11.74
CA GLY A 734 -1.03 9.54 11.25
C GLY A 734 -1.86 8.88 12.33
N MET A 735 -2.83 8.11 11.88
CA MET A 735 -3.81 7.53 12.77
C MET A 735 -3.79 6.00 12.69
N ILE A 736 -4.03 5.36 13.84
CA ILE A 736 -4.06 3.90 13.93
C ILE A 736 -5.38 3.50 14.56
N GLU A 737 -6.03 2.48 14.03
CA GLU A 737 -7.26 1.98 14.61
C GLU A 737 -7.00 1.32 15.97
N ILE A 738 -7.73 1.77 17.00
CA ILE A 738 -7.69 1.09 18.29
C ILE A 738 -8.41 -0.24 18.17
N VAL A 739 -7.67 -1.32 18.37
CA VAL A 739 -8.28 -2.63 18.54
C VAL A 739 -8.71 -2.76 19.99
N LYS A 740 -10.01 -2.74 20.24
CA LYS A 740 -10.56 -2.81 21.60
C LYS A 740 -10.25 -4.12 22.32
N ASP A 741 -10.40 -4.11 23.64
CA ASP A 741 -10.21 -5.30 24.49
C ASP A 741 -8.89 -6.04 24.26
N ALA A 742 -7.82 -5.31 23.96
CA ALA A 742 -6.53 -5.92 23.67
C ALA A 742 -5.42 -5.31 24.51
N THR A 743 -4.43 -6.11 24.86
CA THR A 743 -3.25 -5.63 25.56
C THR A 743 -2.02 -6.29 24.95
N THR A 744 -0.84 -5.80 25.34
CA THR A 744 0.40 -6.38 24.83
C THR A 744 0.75 -7.61 25.63
N ILE A 745 1.54 -8.47 25.01
CA ILE A 745 2.05 -9.68 25.64
C ILE A 745 3.05 -9.30 26.74
N ALA A 746 3.82 -8.25 26.53
CA ALA A 746 4.76 -7.76 27.53
C ALA A 746 4.08 -7.37 28.85
N LYS A 747 2.90 -6.75 28.74
CA LYS A 747 2.14 -6.34 29.91
C LYS A 747 1.62 -7.57 30.67
N ILE A 748 1.22 -8.59 29.92
CA ILE A 748 0.73 -9.82 30.54
C ILE A 748 1.83 -10.48 31.39
N GLN A 749 3.08 -10.34 30.94
CA GLN A 749 4.21 -10.81 31.73
C GLN A 749 4.48 -9.91 32.94
N GLN A 750 4.42 -8.58 32.76
CA GLN A 750 4.66 -7.64 33.86
C GLN A 750 3.62 -7.76 34.97
N SER A 751 2.37 -8.02 34.58
CA SER A 751 1.26 -8.12 35.53
C SER A 751 1.48 -9.19 36.60
N THR A 752 1.97 -10.36 36.18
CA THR A 752 2.18 -11.51 37.07
C THR A 752 3.61 -11.61 37.61
N VAL A 753 4.60 -11.28 36.77
CA VAL A 753 6.01 -11.49 37.12
C VAL A 753 6.67 -10.28 37.80
N GLY A 754 6.68 -9.14 37.12
CA GLY A 754 7.31 -7.94 37.69
C GLY A 754 7.56 -6.83 36.70
N ASN A 755 7.68 -5.60 37.21
CA ASN A 755 7.94 -4.40 36.42
C ASN A 755 9.05 -4.60 35.38
N THR A 756 10.18 -5.13 35.85
CA THR A 756 11.33 -5.40 35.00
C THR A 756 11.97 -6.76 35.37
N GLY A 757 11.56 -7.80 34.65
CA GLY A 757 12.11 -9.15 34.83
C GLY A 757 11.76 -10.07 33.67
N ALA A 758 12.56 -11.12 33.48
CA ALA A 758 12.30 -12.12 32.44
C ALA A 758 11.18 -13.07 32.87
N PHE A 759 10.71 -13.85 31.91
CA PHE A 759 9.29 -14.23 31.87
C PHE A 759 8.97 -15.69 32.19
N LYS A 760 7.72 -15.94 32.59
CA LYS A 760 7.24 -17.27 32.94
C LYS A 760 6.26 -17.79 31.88
N ASP A 761 6.27 -19.10 31.68
CA ASP A 761 5.56 -19.74 30.57
C ASP A 761 4.03 -19.76 30.71
N GLU A 762 3.55 -19.79 31.95
CA GLU A 762 2.12 -20.01 32.24
C GLU A 762 1.26 -18.74 32.16
N VAL A 763 1.88 -17.58 32.31
CA VAL A 763 1.12 -16.34 32.53
C VAL A 763 0.18 -15.93 31.39
N LEU A 764 0.53 -16.24 30.14
CA LEU A 764 -0.34 -15.88 29.01
C LEU A 764 -1.60 -16.74 29.04
N ASN A 765 -1.43 -18.06 29.10
CA ASN A 765 -2.58 -18.96 29.21
C ASN A 765 -3.46 -18.62 30.41
N HIS A 766 -2.84 -18.27 31.54
CA HIS A 766 -3.59 -17.91 32.75
C HIS A 766 -4.03 -16.46 32.73
N TRP A 767 -3.53 -15.68 31.77
CA TRP A 767 -4.17 -14.41 31.40
C TRP A 767 -5.38 -14.64 30.54
N LEU A 768 -5.25 -15.53 29.56
CA LEU A 768 -6.37 -15.91 28.71
C LEU A 768 -7.51 -16.51 29.54
N LYS A 769 -7.17 -17.42 30.46
CA LYS A 769 -8.18 -18.03 31.31
C LYS A 769 -8.98 -16.98 32.07
N GLU A 770 -8.30 -16.03 32.71
CA GLU A 770 -8.98 -15.03 33.55
C GLU A 770 -9.83 -14.02 32.74
N LYS A 771 -9.63 -13.94 31.42
CA LYS A 771 -10.49 -13.12 30.55
C LYS A 771 -11.62 -13.92 29.90
N SER A 772 -11.51 -15.23 29.86
CA SER A 772 -12.57 -16.07 29.29
C SER A 772 -13.61 -16.40 30.36
N PRO A 773 -14.90 -16.15 30.07
CA PRO A 773 -15.93 -16.47 31.07
C PRO A 773 -16.24 -17.97 31.15
N THR A 774 -16.74 -18.54 30.05
CA THR A 774 -17.14 -19.96 30.02
C THR A 774 -16.07 -20.81 29.34
N GLU A 775 -16.14 -22.11 29.58
CA GLU A 775 -15.26 -23.07 28.91
C GLU A 775 -15.48 -23.07 27.40
N GLU A 776 -16.72 -22.80 26.99
CA GLU A 776 -17.09 -22.70 25.58
C GLU A 776 -16.27 -21.59 24.91
N LYS A 777 -16.19 -20.44 25.59
CA LYS A 777 -15.53 -19.26 25.04
C LYS A 777 -14.02 -19.27 25.27
N PHE A 778 -13.54 -19.98 26.30
CA PHE A 778 -12.11 -20.10 26.54
C PHE A 778 -11.42 -20.88 25.42
N GLN A 779 -11.80 -22.15 25.24
CA GLN A 779 -11.19 -22.97 24.19
C GLN A 779 -11.25 -22.25 22.83
N ALA A 780 -12.37 -21.56 22.58
CA ALA A 780 -12.52 -20.74 21.37
C ALA A 780 -11.36 -19.77 21.29
N ALA A 781 -11.11 -19.08 22.39
CA ALA A 781 -9.96 -18.18 22.51
C ALA A 781 -8.65 -18.90 22.20
N VAL A 782 -8.46 -20.10 22.74
CA VAL A 782 -7.22 -20.85 22.50
C VAL A 782 -7.13 -21.27 21.04
N GLU A 783 -8.26 -21.66 20.44
CA GLU A 783 -8.28 -22.06 19.03
C GLU A 783 -8.00 -20.85 18.15
N ARG A 784 -8.77 -19.79 18.39
CA ARG A 784 -8.54 -18.49 17.80
C ARG A 784 -7.08 -18.04 17.89
N PHE A 785 -6.45 -18.33 19.02
CA PHE A 785 -5.03 -17.99 19.25
C PHE A 785 -4.09 -18.88 18.47
N VAL A 786 -4.44 -20.16 18.32
CA VAL A 786 -3.60 -21.10 17.56
C VAL A 786 -3.52 -20.67 16.09
N TYR A 787 -4.70 -20.34 15.55
CA TYR A 787 -4.81 -19.79 14.20
C TYR A 787 -4.07 -18.45 14.11
N SER A 788 -4.43 -17.51 14.99
CA SER A 788 -3.82 -16.18 15.00
C SER A 788 -2.30 -16.24 15.07
N CYS A 789 -1.80 -17.04 16.01
CA CYS A 789 -0.36 -17.17 16.17
C CYS A 789 0.27 -17.70 14.90
N ALA A 790 -0.42 -18.62 14.23
CA ALA A 790 0.07 -19.21 12.98
C ALA A 790 0.16 -18.17 11.83
N GLY A 791 -0.92 -17.42 11.61
CA GLY A 791 -0.94 -16.35 10.62
C GLY A 791 0.26 -15.42 10.73
N TYR A 792 0.45 -14.86 11.93
CA TYR A 792 1.52 -13.90 12.15
C TYR A 792 2.92 -14.52 12.13
N CYS A 793 3.03 -15.80 12.44
CA CYS A 793 4.32 -16.47 12.34
C CYS A 793 4.69 -16.59 10.87
N VAL A 794 3.73 -17.03 10.05
CA VAL A 794 3.97 -17.19 8.62
C VAL A 794 4.19 -15.86 7.95
N ALA A 795 3.28 -14.93 8.20
CA ALA A 795 3.26 -13.62 7.54
C ALA A 795 4.46 -12.78 7.90
N THR A 796 4.85 -12.80 9.17
CA THR A 796 5.99 -11.99 9.55
C THR A 796 7.28 -12.64 9.06
N PHE A 797 7.28 -13.95 8.96
CA PHE A 797 8.47 -14.65 8.51
C PHE A 797 8.72 -14.31 7.06
N VAL A 798 7.70 -14.53 6.24
CA VAL A 798 7.73 -14.16 4.83
C VAL A 798 8.18 -12.72 4.64
N LEU A 799 7.68 -11.81 5.48
CA LEU A 799 7.97 -10.39 5.32
C LEU A 799 9.26 -9.97 6.03
N GLY A 800 9.85 -10.91 6.76
CA GLY A 800 11.12 -10.66 7.43
C GLY A 800 11.01 -9.71 8.61
N ILE A 801 9.84 -9.63 9.24
CA ILE A 801 9.65 -8.72 10.39
C ILE A 801 9.15 -9.48 11.61
N GLY A 802 9.56 -10.74 11.73
CA GLY A 802 9.05 -11.64 12.77
C GLY A 802 9.76 -11.59 14.12
N ASP A 803 11.01 -11.14 14.12
CA ASP A 803 11.79 -11.03 15.33
C ASP A 803 11.45 -9.73 16.05
N ARG A 804 10.41 -9.77 16.88
CA ARG A 804 9.92 -8.58 17.57
C ARG A 804 9.86 -8.77 19.07
N HIS A 805 10.22 -7.71 19.81
CA HIS A 805 10.01 -7.69 21.25
C HIS A 805 8.54 -7.74 21.52
N ASN A 806 8.15 -8.49 22.56
CA ASN A 806 6.74 -8.78 22.81
C ASN A 806 5.88 -7.61 23.30
N ASP A 807 6.46 -6.41 23.43
CA ASP A 807 5.66 -5.21 23.64
C ASP A 807 5.17 -4.60 22.33
N ASN A 808 5.60 -5.21 21.22
CA ASN A 808 5.09 -4.97 19.88
C ASN A 808 4.24 -6.17 19.38
N ILE A 809 3.86 -7.09 20.29
CA ILE A 809 2.84 -8.11 19.95
C ILE A 809 1.68 -7.93 20.90
N MET A 810 0.46 -8.12 20.41
CA MET A 810 -0.74 -7.92 21.19
C MET A 810 -1.65 -9.12 21.12
N ILE A 811 -2.52 -9.25 22.11
CA ILE A 811 -3.54 -10.29 22.12
C ILE A 811 -4.88 -9.69 22.57
N THR A 812 -5.97 -10.09 21.91
CA THR A 812 -7.29 -9.65 22.36
C THR A 812 -7.75 -10.51 23.52
N GLU A 813 -8.74 -10.02 24.25
CA GLU A 813 -9.36 -10.77 25.35
C GLU A 813 -9.99 -12.05 24.84
N THR A 814 -10.30 -12.10 23.54
CA THR A 814 -10.87 -13.29 22.91
C THR A 814 -9.84 -14.15 22.14
N GLY A 815 -8.56 -14.00 22.47
CA GLY A 815 -7.51 -14.90 21.95
C GLY A 815 -6.73 -14.47 20.71
N ASN A 816 -7.20 -13.43 20.02
CA ASN A 816 -6.64 -13.05 18.72
C ASN A 816 -5.29 -12.33 18.88
N LEU A 817 -4.20 -13.04 18.60
CA LEU A 817 -2.87 -12.44 18.60
C LEU A 817 -2.74 -11.53 17.39
N PHE A 818 -2.10 -10.38 17.54
CA PHE A 818 -1.73 -9.56 16.40
C PHE A 818 -0.50 -8.69 16.69
N HIS A 819 0.38 -8.57 15.68
CA HIS A 819 1.55 -7.69 15.80
C HIS A 819 1.14 -6.29 15.54
N ILE A 820 1.89 -5.33 16.10
CA ILE A 820 1.65 -3.89 15.90
C ILE A 820 2.98 -3.20 15.62
N ASP A 821 2.96 -1.90 15.32
CA ASP A 821 4.18 -1.06 15.22
C ASP A 821 5.17 -1.58 14.20
N PHE A 822 4.73 -1.71 12.97
CA PHE A 822 5.53 -2.32 11.91
C PHE A 822 6.57 -1.38 11.33
N GLY A 823 6.30 -0.08 11.40
CA GLY A 823 7.20 0.90 10.80
C GLY A 823 8.40 1.22 11.66
N HIS A 824 9.04 0.17 12.17
CA HIS A 824 10.31 0.26 12.87
C HIS A 824 11.39 -0.49 12.13
N ILE A 825 11.05 -1.70 11.67
CA ILE A 825 12.04 -2.69 11.29
C ILE A 825 12.03 -2.94 9.79
N LYS A 837 24.57 -10.77 17.30
CA LYS A 837 23.14 -10.68 17.57
C LYS A 837 22.42 -11.97 17.22
N GLU A 838 22.10 -12.78 18.22
CA GLU A 838 21.34 -14.03 17.98
C GLU A 838 19.86 -13.74 17.73
N ARG A 839 19.35 -14.29 16.63
CA ARG A 839 18.07 -13.90 16.07
C ARG A 839 17.01 -15.00 16.24
N VAL A 840 15.83 -14.74 15.71
CA VAL A 840 14.74 -15.70 15.64
C VAL A 840 13.89 -15.37 14.40
N PRO A 841 13.40 -16.40 13.68
CA PRO A 841 12.64 -16.09 12.46
C PRO A 841 11.33 -15.37 12.73
N PHE A 842 10.69 -15.73 13.83
CA PHE A 842 9.44 -15.10 14.28
C PHE A 842 9.25 -15.30 15.79
N VAL A 843 8.06 -15.01 16.31
CA VAL A 843 7.83 -15.12 17.75
C VAL A 843 6.85 -16.24 18.09
N LEU A 844 7.40 -17.31 18.65
CA LEU A 844 6.62 -18.44 19.16
C LEU A 844 7.21 -18.79 20.50
N THR A 845 6.94 -17.94 21.48
CA THR A 845 7.59 -18.03 22.77
C THR A 845 6.96 -19.12 23.64
N PRO A 846 7.64 -19.47 24.75
CA PRO A 846 7.09 -20.41 25.71
C PRO A 846 5.68 -20.08 26.21
N ASP A 847 5.38 -18.80 26.41
CA ASP A 847 4.04 -18.40 26.83
C ASP A 847 2.99 -18.66 25.73
N PHE A 848 3.41 -18.53 24.48
CA PHE A 848 2.56 -18.89 23.35
C PHE A 848 2.47 -20.42 23.29
N LEU A 849 3.60 -21.08 23.50
CA LEU A 849 3.63 -22.54 23.48
C LEU A 849 2.88 -23.18 24.66
N PHE A 850 2.92 -22.55 25.84
CA PHE A 850 2.14 -23.03 27.00
C PHE A 850 0.63 -22.98 26.70
N VAL A 851 0.18 -21.97 25.96
CA VAL A 851 -1.24 -21.89 25.56
C VAL A 851 -1.61 -23.07 24.65
N MET A 852 -0.60 -23.58 23.94
CA MET A 852 -0.75 -24.74 23.08
C MET A 852 -0.53 -26.01 23.91
N GLY A 853 0.31 -25.91 24.95
CA GLY A 853 0.51 -26.97 25.92
C GLY A 853 1.77 -27.76 25.65
N THR A 854 2.93 -27.11 25.74
CA THR A 854 4.20 -27.75 25.40
C THR A 854 5.33 -27.29 26.33
N SER A 855 5.73 -28.19 27.24
CA SER A 855 6.71 -27.90 28.28
C SER A 855 8.15 -28.14 27.80
N GLY A 856 8.67 -27.18 27.03
CA GLY A 856 10.06 -27.21 26.58
C GLY A 856 10.26 -28.02 25.30
N LYS A 857 10.16 -29.34 25.42
CA LYS A 857 10.28 -30.24 24.26
C LYS A 857 9.26 -31.38 24.34
N LYS A 858 8.03 -31.07 23.95
CA LYS A 858 6.94 -32.05 23.90
C LYS A 858 6.10 -31.72 22.66
N THR A 859 4.94 -32.37 22.49
CA THR A 859 4.06 -32.07 21.36
C THR A 859 2.59 -32.27 21.71
N SER A 860 1.86 -31.17 21.90
CA SER A 860 0.44 -31.23 22.20
C SER A 860 -0.42 -31.41 20.95
N PRO A 861 -1.71 -31.75 21.13
CA PRO A 861 -2.70 -31.73 20.05
C PRO A 861 -2.82 -30.36 19.37
N HIS A 862 -2.83 -29.30 20.17
CA HIS A 862 -2.95 -27.95 19.63
C HIS A 862 -1.68 -27.50 18.92
N PHE A 863 -0.52 -27.94 19.42
CA PHE A 863 0.75 -27.55 18.80
C PHE A 863 0.94 -28.20 17.44
N GLN A 864 0.61 -29.48 17.35
CA GLN A 864 0.65 -30.19 16.07
C GLN A 864 -0.33 -29.54 15.08
N LYS A 865 -1.44 -29.01 15.60
CA LYS A 865 -2.40 -28.27 14.77
C LYS A 865 -1.83 -26.91 14.35
N PHE A 866 -1.13 -26.25 15.27
CA PHE A 866 -0.42 -25.01 14.96
C PHE A 866 0.60 -25.28 13.86
N GLN A 867 1.41 -26.32 14.05
CA GLN A 867 2.37 -26.76 13.05
C GLN A 867 1.67 -27.11 11.75
N ASP A 868 0.52 -27.78 11.87
CA ASP A 868 -0.33 -28.08 10.72
C ASP A 868 -0.69 -26.79 9.98
N ILE A 869 -1.29 -25.84 10.70
CA ILE A 869 -1.84 -24.63 10.08
C ILE A 869 -0.76 -23.79 9.42
N CYS A 870 0.37 -23.60 10.10
CA CYS A 870 1.50 -22.84 9.54
C CYS A 870 1.91 -23.40 8.18
N VAL A 871 2.13 -24.71 8.16
CA VAL A 871 2.58 -25.37 6.94
C VAL A 871 1.59 -25.12 5.79
N LYS A 872 0.29 -25.20 6.07
CA LYS A 872 -0.70 -25.05 5.01
C LYS A 872 -0.79 -23.58 4.60
N ALA A 873 -0.56 -22.68 5.56
CA ALA A 873 -0.59 -21.25 5.29
C ALA A 873 0.65 -20.84 4.49
N TYR A 874 1.80 -21.35 4.91
CA TYR A 874 3.07 -21.07 4.25
C TYR A 874 3.02 -21.59 2.81
N LEU A 875 2.65 -22.84 2.64
CA LEU A 875 2.46 -23.40 1.31
C LEU A 875 1.40 -22.65 0.51
N ALA A 876 0.38 -22.13 1.18
CA ALA A 876 -0.63 -21.31 0.50
C ALA A 876 -0.02 -20.00 -0.02
N LEU A 877 0.81 -19.35 0.78
CA LEU A 877 1.49 -18.15 0.31
C LEU A 877 2.38 -18.48 -0.89
N ARG A 878 3.11 -19.60 -0.79
CA ARG A 878 4.05 -19.97 -1.85
C ARG A 878 3.36 -20.23 -3.19
N HIS A 879 2.08 -20.57 -3.17
CA HIS A 879 1.30 -20.69 -4.41
C HIS A 879 1.12 -19.36 -5.11
N HIS A 880 1.26 -18.26 -4.38
CA HIS A 880 1.22 -16.92 -4.99
C HIS A 880 2.55 -16.24 -4.86
N THR A 881 3.63 -17.01 -5.01
CA THR A 881 5.00 -16.53 -4.79
C THR A 881 5.36 -15.27 -5.57
N ASN A 882 5.04 -15.29 -6.86
CA ASN A 882 5.29 -14.15 -7.73
C ASN A 882 4.56 -12.91 -7.28
N LEU A 883 3.28 -13.04 -6.94
CA LEU A 883 2.54 -11.88 -6.44
C LEU A 883 3.21 -11.27 -5.19
N LEU A 884 3.59 -12.12 -4.26
CA LEU A 884 4.17 -11.64 -2.99
C LEU A 884 5.55 -11.01 -3.19
N ILE A 885 6.38 -11.63 -4.03
CA ILE A 885 7.69 -11.07 -4.37
C ILE A 885 7.55 -9.67 -4.95
N ILE A 886 6.58 -9.49 -5.84
CA ILE A 886 6.39 -8.19 -6.49
C ILE A 886 5.87 -7.15 -5.54
N LEU A 887 4.91 -7.53 -4.70
CA LEU A 887 4.40 -6.59 -3.71
C LEU A 887 5.49 -6.28 -2.67
N PHE A 888 6.32 -7.25 -2.31
CA PHE A 888 7.41 -7.00 -1.37
C PHE A 888 8.44 -6.05 -2.00
N SER A 889 8.85 -6.33 -3.23
CA SER A 889 9.76 -5.42 -3.98
C SER A 889 9.21 -4.01 -4.02
N MET A 890 7.96 -3.89 -4.46
CA MET A 890 7.31 -2.58 -4.58
C MET A 890 7.24 -1.86 -3.23
N MET A 891 6.89 -2.59 -2.19
CA MET A 891 6.85 -2.05 -0.83
C MET A 891 8.18 -1.43 -0.44
N LEU A 892 9.27 -2.17 -0.65
CA LEU A 892 10.59 -1.68 -0.27
C LEU A 892 10.96 -0.44 -1.07
N MET A 893 10.71 -0.49 -2.37
CA MET A 893 11.05 0.62 -3.26
C MET A 893 10.30 1.92 -3.03
N THR A 894 9.05 1.83 -2.58
CA THR A 894 8.15 2.98 -2.55
C THR A 894 7.83 3.43 -1.15
N GLY A 895 8.12 2.59 -0.16
CA GLY A 895 7.87 2.95 1.23
C GLY A 895 8.98 2.73 2.26
N MET A 896 10.09 2.09 1.88
CA MET A 896 11.21 1.85 2.82
C MET A 896 12.53 2.41 2.31
N PRO A 897 12.79 3.70 2.59
CA PRO A 897 14.08 4.31 2.25
C PRO A 897 15.19 4.01 3.27
N THR A 900 16.40 1.07 -1.34
CA THR A 900 16.84 -0.21 -0.78
C THR A 900 17.65 -1.00 -1.79
N SER A 901 18.38 -2.00 -1.29
CA SER A 901 19.30 -2.79 -2.10
C SER A 901 18.66 -4.07 -2.63
N LYS A 902 19.32 -4.68 -3.62
CA LYS A 902 18.89 -5.97 -4.17
C LYS A 902 18.80 -7.05 -3.10
N GLU A 903 19.78 -7.10 -2.21
CA GLU A 903 19.82 -8.12 -1.16
C GLU A 903 18.71 -7.95 -0.13
N ASP A 904 18.27 -6.71 0.09
CA ASP A 904 17.12 -6.47 0.97
C ASP A 904 15.87 -7.07 0.34
N ILE A 905 15.70 -6.84 -0.96
CA ILE A 905 14.55 -7.34 -1.73
C ILE A 905 14.58 -8.86 -1.83
N GLU A 906 15.76 -9.44 -1.93
CA GLU A 906 15.89 -10.88 -2.14
C GLU A 906 15.74 -11.70 -0.86
N TYR A 907 15.23 -11.08 0.21
CA TYR A 907 14.95 -11.83 1.44
C TYR A 907 13.74 -12.76 1.26
N ILE A 908 12.69 -12.23 0.63
CA ILE A 908 11.44 -12.95 0.48
C ILE A 908 11.55 -14.14 -0.46
N ARG A 909 12.55 -14.12 -1.36
CA ARG A 909 12.81 -15.28 -2.21
C ARG A 909 13.16 -16.46 -1.31
N ASP A 910 14.12 -16.21 -0.42
CA ASP A 910 14.59 -17.21 0.53
C ASP A 910 13.47 -17.55 1.52
N ALA A 911 12.80 -16.54 2.05
CA ALA A 911 11.65 -16.76 2.93
C ALA A 911 10.59 -17.65 2.27
N LEU A 912 10.38 -17.51 0.97
CA LEU A 912 9.37 -18.34 0.29
C LEU A 912 9.99 -19.60 -0.31
N THR A 913 11.26 -19.86 0.00
CA THR A 913 12.01 -20.97 -0.54
C THR A 913 11.64 -21.25 -1.99
N VAL A 914 11.89 -20.26 -2.84
CA VAL A 914 11.66 -20.38 -4.27
C VAL A 914 12.38 -21.60 -4.82
N GLY A 915 11.76 -22.24 -5.81
CA GLY A 915 12.37 -23.35 -6.54
C GLY A 915 12.26 -24.69 -5.84
N LYS A 916 11.88 -24.68 -4.57
CA LYS A 916 11.86 -25.89 -3.76
C LYS A 916 10.47 -26.50 -3.78
N ASN A 917 10.36 -27.77 -3.35
CA ASN A 917 9.10 -28.50 -3.39
C ASN A 917 8.31 -28.38 -2.07
N GLU A 918 7.05 -28.77 -2.11
CA GLU A 918 6.15 -28.67 -0.95
C GLU A 918 6.80 -29.32 0.25
N GLU A 919 7.11 -30.62 0.11
CA GLU A 919 7.77 -31.40 1.15
C GLU A 919 8.93 -30.60 1.75
N ASP A 920 9.79 -30.07 0.90
CA ASP A 920 11.03 -29.41 1.36
C ASP A 920 10.77 -28.07 2.05
N ALA A 921 9.92 -27.23 1.44
CA ALA A 921 9.50 -25.96 2.05
C ALA A 921 8.84 -26.20 3.41
N LYS A 922 8.09 -27.29 3.51
CA LYS A 922 7.48 -27.70 4.77
C LYS A 922 8.52 -28.03 5.84
N LYS A 923 9.58 -28.75 5.47
CA LYS A 923 10.67 -29.06 6.41
C LYS A 923 11.32 -27.78 6.89
N TYR A 924 11.73 -26.97 5.92
CA TYR A 924 12.27 -25.64 6.17
C TYR A 924 11.49 -24.88 7.23
N PHE A 925 10.18 -24.78 7.05
CA PHE A 925 9.39 -23.98 7.96
C PHE A 925 9.31 -24.62 9.35
N LEU A 926 9.17 -25.94 9.40
CA LEU A 926 9.20 -26.63 10.68
C LEU A 926 10.55 -26.42 11.38
N ASP A 927 11.64 -26.50 10.62
CA ASP A 927 12.97 -26.13 11.14
C ASP A 927 12.99 -24.72 11.76
N GLN A 928 12.25 -23.78 11.17
CA GLN A 928 12.14 -22.44 11.74
C GLN A 928 11.40 -22.47 13.07
N ILE A 929 10.26 -23.18 13.10
CA ILE A 929 9.49 -23.33 14.33
C ILE A 929 10.39 -23.81 15.48
N GLU A 930 11.30 -24.73 15.17
CA GLU A 930 12.24 -25.27 16.16
C GLU A 930 13.37 -24.29 16.54
N VAL A 931 13.79 -23.43 15.62
CA VAL A 931 14.84 -22.45 15.94
C VAL A 931 14.40 -21.57 17.12
N CYS A 932 13.12 -21.19 17.10
CA CYS A 932 12.51 -20.48 18.22
C CYS A 932 12.59 -21.30 19.51
N ARG A 933 12.31 -22.59 19.40
CA ARG A 933 12.31 -23.52 20.54
C ARG A 933 13.70 -23.63 21.16
N ASP A 934 14.73 -23.74 20.32
CA ASP A 934 16.12 -23.75 20.79
C ASP A 934 16.48 -22.48 21.58
N LYS A 935 15.89 -21.36 21.20
CA LYS A 935 16.18 -20.05 21.77
C LYS A 935 15.27 -19.67 22.96
N GLY A 936 14.05 -20.23 22.97
CA GLY A 936 13.08 -19.97 24.04
C GLY A 936 12.80 -18.52 24.36
N TRP A 937 13.58 -17.96 25.29
CA TRP A 937 13.40 -16.61 25.82
C TRP A 937 14.58 -15.70 25.56
N THR A 938 15.63 -16.23 24.93
CA THR A 938 16.92 -15.53 24.85
C THR A 938 16.85 -14.21 24.09
N VAL A 939 16.10 -14.17 23.00
CA VAL A 939 15.97 -12.91 22.24
C VAL A 939 14.99 -11.96 22.93
N GLN A 940 13.84 -12.48 23.38
CA GLN A 940 12.90 -11.66 24.17
C GLN A 940 13.63 -10.97 25.31
N PHE A 941 14.48 -11.72 26.01
CA PHE A 941 15.26 -11.15 27.11
C PHE A 941 16.39 -10.23 26.61
N ASN A 942 17.05 -10.61 25.51
CA ASN A 942 18.13 -9.76 24.95
C ASN A 942 17.61 -8.40 24.51
N TRP A 943 16.33 -8.34 24.10
CA TRP A 943 15.65 -7.06 23.89
C TRP A 943 15.59 -6.33 25.19
N PHE A 944 14.98 -6.96 26.19
CA PHE A 944 14.81 -6.42 27.54
C PHE A 944 16.03 -5.61 28.01
N LEU A 945 17.22 -6.17 27.84
CA LEU A 945 18.49 -5.51 28.24
C LEU A 945 18.77 -4.27 27.39
N HIS A 946 18.65 -4.46 26.07
CA HIS A 946 18.77 -3.38 25.08
C HIS A 946 17.81 -2.27 25.38
N LEU A 947 16.56 -2.64 25.67
CA LEU A 947 15.52 -1.66 26.03
C LEU A 947 15.49 -1.44 27.54
S SO4 B . -20.72 -20.13 -3.41
O1 SO4 B . -20.76 -18.69 -3.08
O2 SO4 B . -19.91 -20.88 -2.41
O3 SO4 B . -20.13 -20.33 -4.75
O4 SO4 B . -22.11 -20.65 -3.40
S SO4 C . -8.19 -1.00 2.10
O1 SO4 C . -7.51 -0.18 1.07
O2 SO4 C . -7.73 -0.54 3.43
O3 SO4 C . -9.66 -0.86 1.99
O4 SO4 C . -7.81 -2.42 1.93
S SO4 D . 15.36 -10.05 -34.55
O1 SO4 D . 16.53 -10.12 -35.47
O2 SO4 D . 15.44 -8.75 -33.83
O3 SO4 D . 14.11 -10.18 -35.35
O4 SO4 D . 15.47 -11.18 -33.59
C30 3VE E . -3.89 -0.68 24.73
C29 3VE E . -2.52 -0.93 25.36
N28 3VE E . -2.41 -1.97 26.20
C27 3VE E . -1.27 -2.26 26.80
C26 3VE E . -0.14 -1.50 26.58
C25 3VE E . -0.20 -0.40 25.73
C11 3VE E . -1.41 -0.12 25.11
C2 3VE E . -1.41 0.98 24.26
N3 3VE E . -1.66 2.16 24.81
C6 3VE E . -1.65 3.29 24.07
C7 3VE E . -1.92 4.53 24.67
CL1 3VE E . -2.26 4.65 26.37
C8 3VE E . -1.92 5.68 23.91
C9 3VE E . -1.65 5.63 22.56
C10 3VE E . -1.36 4.41 21.95
C5 3VE E . -1.37 3.24 22.71
C4 3VE E . -1.09 2.03 22.11
C1 3VE E . -1.12 0.88 22.90
C13 3VE E . -0.81 -0.48 22.24
C15 3VE E . 0.70 -0.64 22.34
N14 3VE E . -1.23 -0.54 20.83
C16 3VE E . -2.49 -0.62 20.39
C21 3VE E . -2.78 -0.65 19.03
N22 3VE E . -2.00 -0.59 17.94
C23 3VE E . -2.80 -0.64 16.87
N24 3VE E . -4.07 -0.73 17.29
C20 3VE E . -4.09 -0.74 18.61
N17 3VE E . -5.09 -0.81 19.50
C18 3VE E . -4.79 -0.80 20.80
N19 3VE E . -3.53 -0.70 21.24
C1 GOL F . -6.12 1.29 5.66
O1 GOL F . -6.91 1.32 6.85
C2 GOL F . -4.69 0.87 6.00
O2 GOL F . -4.68 -0.11 7.08
C3 GOL F . -3.97 0.38 4.75
O3 GOL F . -2.95 -0.55 5.09
#